data_2N71
#
_entry.id   2N71
#
_entity_poly.entity_id   1
_entity_poly.type   'polypeptide(L)'
_entity_poly.pdbx_seq_one_letter_code
;AEDCVGRKACTREWYPVCGSDGVTYSNPCNFSAQQEQCDPNITIAHMGEC
;
_entity_poly.pdbx_strand_id   A
#
# COMPACT_ATOMS: atom_id res chain seq x y z
N ALA A 1 -13.69 -3.51 4.18
CA ALA A 1 -13.07 -3.26 5.50
C ALA A 1 -13.38 -1.83 5.98
N GLU A 2 -13.36 -0.88 5.04
CA GLU A 2 -13.62 0.54 5.31
C GLU A 2 -12.47 1.17 6.10
N ASP A 3 -12.28 0.76 7.33
CA ASP A 3 -11.25 1.35 8.16
C ASP A 3 -10.24 0.29 8.58
N CYS A 4 -9.04 0.46 8.07
CA CYS A 4 -7.91 -0.37 8.43
C CYS A 4 -6.63 0.43 8.23
N VAL A 5 -5.65 0.20 9.08
CA VAL A 5 -4.44 1.00 9.05
C VAL A 5 -3.20 0.13 8.98
N GLY A 6 -2.30 0.47 8.08
CA GLY A 6 -1.03 -0.19 8.01
C GLY A 6 -0.79 -0.71 6.63
N ARG A 7 -0.30 -1.92 6.54
CA ARG A 7 -0.16 -2.56 5.25
C ARG A 7 -0.85 -3.91 5.29
N LYS A 8 -1.51 -4.23 4.21
CA LYS A 8 -2.13 -5.54 4.07
C LYS A 8 -1.19 -6.41 3.26
N ALA A 9 -0.83 -7.55 3.84
CA ALA A 9 0.28 -8.31 3.32
C ALA A 9 -0.09 -9.05 2.04
N CYS A 10 0.65 -8.74 0.99
CA CYS A 10 0.60 -9.47 -0.25
C CYS A 10 2.05 -9.65 -0.71
N THR A 11 2.36 -10.76 -1.34
CA THR A 11 3.75 -11.06 -1.65
C THR A 11 3.86 -11.84 -2.95
N ARG A 12 3.43 -11.21 -4.03
CA ARG A 12 3.53 -11.80 -5.35
C ARG A 12 4.88 -11.46 -5.98
N GLU A 13 5.50 -10.42 -5.44
CA GLU A 13 6.59 -9.73 -6.09
C GLU A 13 7.05 -8.62 -5.16
N TRP A 14 8.25 -8.09 -5.36
CA TRP A 14 8.69 -6.97 -4.56
C TRP A 14 9.02 -5.77 -5.43
N TYR A 15 8.03 -4.93 -5.63
CA TYR A 15 8.24 -3.60 -6.13
C TYR A 15 7.69 -2.67 -5.09
N PRO A 16 8.56 -2.11 -4.26
CA PRO A 16 8.11 -1.37 -3.11
C PRO A 16 7.76 0.07 -3.45
N VAL A 17 6.68 0.54 -2.88
CA VAL A 17 6.24 1.92 -3.05
C VAL A 17 5.73 2.45 -1.73
N CYS A 18 5.59 3.76 -1.63
CA CYS A 18 5.07 4.36 -0.43
C CYS A 18 3.76 5.06 -0.73
N GLY A 19 2.76 4.79 0.09
CA GLY A 19 1.47 5.45 -0.09
C GLY A 19 1.44 6.79 0.59
N SER A 20 0.57 7.69 0.13
CA SER A 20 0.49 9.07 0.63
C SER A 20 0.21 9.15 2.13
N ASP A 21 -0.14 8.03 2.75
CA ASP A 21 -0.27 7.95 4.20
C ASP A 21 1.10 7.87 4.85
N GLY A 22 2.12 7.74 4.01
CA GLY A 22 3.48 7.53 4.48
C GLY A 22 3.72 6.07 4.78
N VAL A 23 2.99 5.21 4.09
CA VAL A 23 3.00 3.79 4.40
C VAL A 23 3.80 2.98 3.38
N THR A 24 4.53 1.99 3.87
CA THR A 24 5.36 1.14 3.04
C THR A 24 4.56 0.01 2.43
N TYR A 25 4.53 -0.05 1.12
CA TYR A 25 3.89 -1.12 0.42
C TYR A 25 4.92 -2.05 -0.21
N SER A 26 4.76 -3.35 0.06
CA SER A 26 5.69 -4.37 -0.41
C SER A 26 5.65 -4.54 -1.93
N ASN A 27 4.52 -4.18 -2.53
CA ASN A 27 4.34 -4.33 -3.97
C ASN A 27 3.05 -3.65 -4.39
N PRO A 28 2.79 -3.50 -5.71
CA PRO A 28 1.53 -2.92 -6.21
C PRO A 28 0.30 -3.59 -5.58
N CYS A 29 0.34 -4.91 -5.46
CA CYS A 29 -0.75 -5.67 -4.83
C CYS A 29 -1.01 -5.18 -3.40
N ASN A 30 0.07 -4.90 -2.67
CA ASN A 30 -0.03 -4.38 -1.31
C ASN A 30 -0.73 -3.03 -1.31
N PHE A 31 -0.33 -2.16 -2.24
CA PHE A 31 -0.91 -0.83 -2.38
C PHE A 31 -2.39 -0.93 -2.76
N SER A 32 -2.66 -1.76 -3.77
CA SER A 32 -4.02 -1.92 -4.26
C SER A 32 -4.93 -2.53 -3.20
N ALA A 33 -4.50 -3.66 -2.62
CA ALA A 33 -5.35 -4.40 -1.71
C ALA A 33 -5.63 -3.62 -0.44
N GLN A 34 -4.59 -3.02 0.11
CA GLN A 34 -4.74 -2.28 1.34
C GLN A 34 -5.67 -1.10 1.15
N GLN A 35 -5.51 -0.42 0.03
CA GLN A 35 -6.29 0.77 -0.21
C GLN A 35 -7.72 0.47 -0.64
N GLU A 36 -7.91 -0.58 -1.42
CA GLU A 36 -9.27 -0.95 -1.80
C GLU A 36 -10.06 -1.38 -0.57
N GLN A 37 -9.37 -1.85 0.47
CA GLN A 37 -10.03 -2.16 1.73
C GLN A 37 -10.11 -0.94 2.64
N CYS A 38 -9.06 -0.11 2.61
CA CYS A 38 -8.94 0.96 3.58
C CYS A 38 -9.09 2.34 2.95
N ASP A 39 -8.02 2.81 2.31
CA ASP A 39 -8.00 4.17 1.81
C ASP A 39 -7.65 4.22 0.32
N PRO A 40 -8.66 4.19 -0.55
CA PRO A 40 -8.46 4.22 -1.99
C PRO A 40 -7.94 5.57 -2.47
N ASN A 41 -7.99 6.57 -1.59
CA ASN A 41 -7.79 7.96 -1.98
C ASN A 41 -6.32 8.39 -1.96
N ILE A 42 -5.43 7.61 -1.37
CA ILE A 42 -4.01 8.01 -1.36
C ILE A 42 -3.37 7.65 -2.68
N THR A 43 -2.23 8.28 -2.94
CA THR A 43 -1.49 8.08 -4.16
C THR A 43 -0.09 7.58 -3.81
N ILE A 44 0.67 7.13 -4.80
CA ILE A 44 2.04 6.73 -4.54
C ILE A 44 2.86 7.98 -4.22
N ALA A 45 3.40 8.03 -3.01
CA ALA A 45 4.19 9.17 -2.56
C ALA A 45 5.55 9.16 -3.20
N HIS A 46 6.20 8.01 -3.16
CA HIS A 46 7.47 7.83 -3.84
C HIS A 46 7.75 6.35 -4.04
N MET A 47 8.55 6.05 -5.04
CA MET A 47 8.95 4.68 -5.31
C MET A 47 9.96 4.26 -4.26
N GLY A 48 9.86 3.04 -3.80
CA GLY A 48 10.71 2.57 -2.75
C GLY A 48 9.97 2.46 -1.44
N GLU A 49 10.27 1.42 -0.68
CA GLU A 49 9.67 1.20 0.63
C GLU A 49 9.91 2.40 1.56
N CYS A 50 8.93 2.72 2.39
CA CYS A 50 9.00 3.87 3.27
C CYS A 50 9.62 3.49 4.62
N ALA A 1 -12.45 -5.24 4.36
CA ALA A 1 -11.55 -4.85 5.47
C ALA A 1 -12.05 -3.58 6.17
N GLU A 2 -12.68 -2.70 5.39
CA GLU A 2 -13.18 -1.40 5.89
C GLU A 2 -12.02 -0.48 6.29
N ASP A 3 -11.39 -0.80 7.40
CA ASP A 3 -10.30 0.01 7.92
C ASP A 3 -9.06 -0.82 8.15
N CYS A 4 -7.98 -0.48 7.46
CA CYS A 4 -6.71 -1.12 7.70
C CYS A 4 -5.58 -0.14 7.37
N VAL A 5 -4.81 0.21 8.39
CA VAL A 5 -3.68 1.10 8.20
C VAL A 5 -2.38 0.34 8.43
N GLY A 6 -1.44 0.49 7.51
CA GLY A 6 -0.19 -0.21 7.63
C GLY A 6 0.06 -1.06 6.41
N ARG A 7 0.24 -2.35 6.61
CA ARG A 7 0.48 -3.26 5.50
C ARG A 7 -0.43 -4.48 5.58
N LYS A 8 -1.07 -4.78 4.47
CA LYS A 8 -1.75 -6.04 4.30
C LYS A 8 -0.85 -6.94 3.48
N ALA A 9 -0.53 -8.10 4.01
CA ALA A 9 0.57 -8.89 3.45
C ALA A 9 0.19 -9.57 2.14
N CYS A 10 0.90 -9.17 1.10
CA CYS A 10 0.89 -9.86 -0.18
C CYS A 10 2.33 -9.91 -0.67
N THR A 11 2.72 -10.97 -1.37
CA THR A 11 4.09 -11.09 -1.82
C THR A 11 4.18 -12.05 -3.00
N ARG A 12 3.59 -11.64 -4.10
CA ARG A 12 3.70 -12.37 -5.36
C ARG A 12 4.72 -11.66 -6.23
N GLU A 13 5.38 -10.69 -5.62
CA GLU A 13 6.26 -9.76 -6.30
C GLU A 13 6.80 -8.79 -5.27
N TRP A 14 7.96 -8.20 -5.51
CA TRP A 14 8.45 -7.16 -4.63
C TRP A 14 8.84 -5.92 -5.43
N TYR A 15 7.89 -5.02 -5.56
CA TYR A 15 8.17 -3.67 -5.99
C TYR A 15 7.65 -2.78 -4.90
N PRO A 16 8.53 -2.27 -4.05
CA PRO A 16 8.09 -1.54 -2.89
C PRO A 16 7.75 -0.10 -3.22
N VAL A 17 6.67 0.40 -2.65
CA VAL A 17 6.25 1.75 -2.89
C VAL A 17 5.75 2.38 -1.61
N CYS A 18 5.54 3.67 -1.65
CA CYS A 18 5.06 4.39 -0.49
C CYS A 18 3.70 5.00 -0.76
N GLY A 19 2.76 4.75 0.13
CA GLY A 19 1.46 5.38 0.02
C GLY A 19 1.54 6.80 0.54
N SER A 20 0.79 7.72 -0.06
CA SER A 20 0.90 9.14 0.23
C SER A 20 0.57 9.49 1.69
N ASP A 21 0.01 8.55 2.43
CA ASP A 21 -0.17 8.73 3.87
C ASP A 21 1.19 8.61 4.58
N GLY A 22 2.18 8.17 3.83
CA GLY A 22 3.51 7.96 4.36
C GLY A 22 3.72 6.52 4.80
N VAL A 23 2.98 5.60 4.19
CA VAL A 23 3.03 4.22 4.61
C VAL A 23 3.77 3.35 3.59
N THR A 24 4.55 2.39 4.09
CA THR A 24 5.34 1.52 3.23
C THR A 24 4.51 0.36 2.72
N TYR A 25 4.39 0.29 1.41
CA TYR A 25 3.67 -0.79 0.78
C TYR A 25 4.62 -1.76 0.11
N SER A 26 4.38 -3.04 0.38
CA SER A 26 5.27 -4.13 -0.03
C SER A 26 5.34 -4.27 -1.55
N ASN A 27 4.25 -3.94 -2.23
CA ASN A 27 4.16 -4.07 -3.68
C ASN A 27 2.83 -3.51 -4.17
N PRO A 28 2.65 -3.37 -5.51
CA PRO A 28 1.37 -2.91 -6.08
C PRO A 28 0.18 -3.69 -5.54
N CYS A 29 0.34 -5.00 -5.39
CA CYS A 29 -0.69 -5.87 -4.83
C CYS A 29 -1.14 -5.35 -3.45
N ASN A 30 -0.17 -5.07 -2.61
CA ASN A 30 -0.44 -4.58 -1.26
C ASN A 30 -1.07 -3.18 -1.29
N PHE A 31 -0.52 -2.27 -2.09
CA PHE A 31 -1.03 -0.91 -2.17
C PHE A 31 -2.45 -0.90 -2.73
N SER A 32 -2.67 -1.62 -3.81
CA SER A 32 -3.97 -1.60 -4.48
C SER A 32 -5.05 -2.19 -3.57
N ALA A 33 -4.78 -3.38 -3.03
CA ALA A 33 -5.76 -4.08 -2.21
C ALA A 33 -6.05 -3.31 -0.92
N GLN A 34 -5.00 -2.82 -0.30
CA GLN A 34 -5.14 -2.09 0.95
C GLN A 34 -5.93 -0.80 0.72
N GLN A 35 -5.70 -0.18 -0.41
CA GLN A 35 -6.33 1.07 -0.75
C GLN A 35 -7.78 0.87 -1.20
N GLU A 36 -8.05 -0.20 -1.94
CA GLU A 36 -9.39 -0.46 -2.44
C GLU A 36 -10.31 -0.93 -1.32
N GLN A 37 -9.71 -1.55 -0.31
CA GLN A 37 -10.48 -2.08 0.81
C GLN A 37 -10.60 -1.07 1.93
N CYS A 38 -9.56 -0.25 2.13
CA CYS A 38 -9.51 0.57 3.31
C CYS A 38 -9.45 2.06 2.99
N ASP A 39 -8.30 2.55 2.54
CA ASP A 39 -8.16 3.99 2.32
C ASP A 39 -7.95 4.29 0.84
N PRO A 40 -9.02 4.68 0.15
CA PRO A 40 -9.00 4.94 -1.29
C PRO A 40 -8.26 6.23 -1.66
N ASN A 41 -7.99 7.06 -0.67
CA ASN A 41 -7.61 8.44 -0.91
C ASN A 41 -6.12 8.62 -1.17
N ILE A 42 -5.30 7.68 -0.74
CA ILE A 42 -3.88 7.87 -0.90
C ILE A 42 -3.40 7.35 -2.25
N THR A 43 -2.30 7.92 -2.70
CA THR A 43 -1.72 7.59 -3.98
C THR A 43 -0.25 7.26 -3.78
N ILE A 44 0.41 6.74 -4.80
CA ILE A 44 1.81 6.38 -4.66
C ILE A 44 2.65 7.65 -4.51
N ALA A 45 3.34 7.76 -3.39
CA ALA A 45 4.15 8.93 -3.10
C ALA A 45 5.50 8.81 -3.79
N HIS A 46 6.10 7.64 -3.67
CA HIS A 46 7.38 7.37 -4.33
C HIS A 46 7.67 5.88 -4.27
N MET A 47 8.51 5.40 -5.18
CA MET A 47 8.91 4.01 -5.19
C MET A 47 9.98 3.78 -4.15
N GLY A 48 9.79 2.76 -3.34
CA GLY A 48 10.68 2.52 -2.23
C GLY A 48 9.94 2.53 -0.91
N GLU A 49 10.56 1.97 0.11
CA GLU A 49 9.94 1.89 1.43
C GLU A 49 9.92 3.26 2.11
N CYS A 50 8.89 3.48 2.92
CA CYS A 50 8.71 4.75 3.63
C CYS A 50 8.97 4.58 5.13
N ALA A 1 -10.67 -6.60 4.14
CA ALA A 1 -10.91 -5.78 5.35
C ALA A 1 -11.78 -4.57 5.00
N GLU A 2 -12.16 -3.83 6.03
CA GLU A 2 -12.95 -2.62 5.87
C GLU A 2 -12.16 -1.42 6.36
N ASP A 3 -11.61 -1.55 7.55
CA ASP A 3 -10.73 -0.53 8.11
C ASP A 3 -9.42 -1.17 8.53
N CYS A 4 -8.34 -0.78 7.87
CA CYS A 4 -7.04 -1.30 8.23
C CYS A 4 -5.95 -0.27 7.94
N VAL A 5 -5.26 0.17 8.98
CA VAL A 5 -4.17 1.10 8.83
C VAL A 5 -2.84 0.37 8.96
N GLY A 6 -2.04 0.43 7.91
CA GLY A 6 -0.76 -0.22 7.90
C GLY A 6 -0.50 -0.85 6.56
N ARG A 7 -0.22 -2.14 6.54
CA ARG A 7 0.04 -2.82 5.29
C ARG A 7 -0.78 -4.10 5.22
N LYS A 8 -1.31 -4.38 4.04
CA LYS A 8 -2.00 -5.62 3.80
C LYS A 8 -1.03 -6.56 3.11
N ALA A 9 -0.79 -7.72 3.71
CA ALA A 9 0.32 -8.54 3.29
C ALA A 9 0.06 -9.25 1.97
N CYS A 10 0.89 -8.90 1.00
CA CYS A 10 0.91 -9.56 -0.29
C CYS A 10 2.38 -9.74 -0.68
N THR A 11 2.70 -10.81 -1.38
CA THR A 11 4.07 -11.07 -1.76
C THR A 11 4.12 -11.90 -3.04
N ARG A 12 3.63 -11.31 -4.12
CA ARG A 12 3.60 -11.97 -5.41
C ARG A 12 4.70 -11.37 -6.29
N GLU A 13 5.42 -10.43 -5.69
CA GLU A 13 6.51 -9.70 -6.32
C GLU A 13 7.00 -8.69 -5.32
N TRP A 14 8.25 -8.28 -5.41
CA TRP A 14 8.74 -7.24 -4.51
C TRP A 14 9.18 -6.01 -5.28
N TYR A 15 8.24 -5.09 -5.43
CA TYR A 15 8.54 -3.75 -5.84
C TYR A 15 7.98 -2.88 -4.75
N PRO A 16 8.81 -2.37 -3.87
CA PRO A 16 8.31 -1.66 -2.71
C PRO A 16 7.93 -0.23 -3.07
N VAL A 17 6.81 0.22 -2.54
CA VAL A 17 6.33 1.56 -2.82
C VAL A 17 5.80 2.21 -1.55
N CYS A 18 5.45 3.47 -1.65
CA CYS A 18 4.93 4.18 -0.51
C CYS A 18 3.56 4.75 -0.80
N GLY A 19 2.64 4.53 0.12
CA GLY A 19 1.33 5.14 0.00
C GLY A 19 1.36 6.55 0.50
N SER A 20 0.56 7.42 -0.11
CA SER A 20 0.59 8.87 0.16
C SER A 20 0.35 9.21 1.64
N ASP A 21 -0.14 8.25 2.41
CA ASP A 21 -0.30 8.44 3.86
C ASP A 21 1.07 8.39 4.54
N GLY A 22 2.07 8.00 3.77
CA GLY A 22 3.41 7.83 4.29
C GLY A 22 3.66 6.41 4.73
N VAL A 23 2.92 5.48 4.14
CA VAL A 23 2.97 4.08 4.56
C VAL A 23 3.74 3.23 3.57
N THR A 24 4.53 2.28 4.08
CA THR A 24 5.34 1.43 3.24
C THR A 24 4.56 0.23 2.76
N TYR A 25 4.50 0.06 1.45
CA TYR A 25 3.84 -1.07 0.84
C TYR A 25 4.85 -2.00 0.18
N SER A 26 4.64 -3.30 0.39
CA SER A 26 5.56 -4.33 -0.08
C SER A 26 5.58 -4.44 -1.61
N ASN A 27 4.48 -4.05 -2.24
CA ASN A 27 4.37 -4.12 -3.70
C ASN A 27 3.08 -3.45 -4.15
N PRO A 28 2.86 -3.26 -5.47
CA PRO A 28 1.62 -2.68 -6.00
C PRO A 28 0.38 -3.40 -5.48
N CYS A 29 0.45 -4.74 -5.39
CA CYS A 29 -0.62 -5.55 -4.84
C CYS A 29 -0.98 -5.08 -3.43
N ASN A 30 0.04 -4.82 -2.62
CA ASN A 30 -0.13 -4.35 -1.25
C ASN A 30 -0.84 -2.99 -1.24
N PHE A 31 -0.38 -2.08 -2.10
CA PHE A 31 -0.96 -0.75 -2.22
C PHE A 31 -2.39 -0.82 -2.74
N SER A 32 -2.59 -1.58 -3.80
CA SER A 32 -3.88 -1.64 -4.48
C SER A 32 -4.95 -2.21 -3.56
N ALA A 33 -4.64 -3.35 -2.92
CA ALA A 33 -5.58 -4.00 -2.02
C ALA A 33 -5.86 -3.12 -0.81
N GLN A 34 -4.81 -2.56 -0.25
CA GLN A 34 -4.93 -1.74 0.96
C GLN A 34 -5.79 -0.52 0.67
N GLN A 35 -5.57 0.07 -0.50
CA GLN A 35 -6.26 1.28 -0.88
C GLN A 35 -7.70 1.01 -1.30
N GLU A 36 -7.94 -0.12 -1.96
CA GLU A 36 -9.29 -0.43 -2.43
C GLU A 36 -10.24 -0.68 -1.25
N GLN A 37 -9.79 -1.42 -0.23
CA GLN A 37 -10.69 -1.76 0.86
C GLN A 37 -10.35 -1.10 2.20
N CYS A 38 -9.37 -0.21 2.25
CA CYS A 38 -9.11 0.51 3.49
C CYS A 38 -8.89 2.01 3.30
N ASP A 39 -7.86 2.42 2.57
CA ASP A 39 -7.63 3.86 2.38
C ASP A 39 -7.75 4.22 0.90
N PRO A 40 -8.94 4.63 0.46
CA PRO A 40 -9.23 4.95 -0.94
C PRO A 40 -8.58 6.26 -1.40
N ASN A 41 -8.10 7.04 -0.46
CA ASN A 41 -7.79 8.44 -0.72
C ASN A 41 -6.34 8.68 -1.13
N ILE A 42 -5.44 7.77 -0.79
CA ILE A 42 -4.02 8.00 -1.05
C ILE A 42 -3.59 7.47 -2.42
N THR A 43 -2.48 8.01 -2.88
CA THR A 43 -1.87 7.63 -4.14
C THR A 43 -0.44 7.16 -3.91
N ILE A 44 0.19 6.57 -4.91
CA ILE A 44 1.58 6.18 -4.78
C ILE A 44 2.44 7.41 -4.61
N ALA A 45 3.14 7.49 -3.49
CA ALA A 45 3.97 8.64 -3.18
C ALA A 45 5.30 8.54 -3.91
N HIS A 46 5.95 7.39 -3.78
CA HIS A 46 7.22 7.17 -4.45
C HIS A 46 7.58 5.69 -4.46
N MET A 47 8.50 5.33 -5.35
CA MET A 47 9.05 3.99 -5.40
C MET A 47 10.04 3.83 -4.26
N GLY A 48 10.02 2.67 -3.62
CA GLY A 48 10.87 2.44 -2.48
C GLY A 48 10.09 2.44 -1.19
N GLU A 49 10.66 1.85 -0.15
CA GLU A 49 9.99 1.74 1.14
C GLU A 49 9.97 3.10 1.85
N CYS A 50 8.93 3.32 2.64
CA CYS A 50 8.80 4.56 3.40
C CYS A 50 9.26 4.35 4.84
N ALA A 1 -13.60 -3.05 4.07
CA ALA A 1 -13.02 -2.68 5.38
C ALA A 1 -12.75 -1.18 5.42
N GLU A 2 -13.78 -0.39 5.72
CA GLU A 2 -13.68 1.06 5.72
C GLU A 2 -12.56 1.55 6.63
N ASP A 3 -12.23 0.78 7.65
CA ASP A 3 -11.10 1.11 8.49
C ASP A 3 -10.13 -0.06 8.58
N CYS A 4 -8.96 0.13 7.99
CA CYS A 4 -7.83 -0.73 8.21
C CYS A 4 -6.55 0.06 7.96
N VAL A 5 -5.76 0.25 8.99
CA VAL A 5 -4.57 1.06 8.86
C VAL A 5 -3.33 0.26 9.22
N GLY A 6 -2.36 0.28 8.31
CA GLY A 6 -1.14 -0.45 8.51
C GLY A 6 -0.71 -1.12 7.23
N ARG A 7 -0.22 -2.33 7.33
CA ARG A 7 0.24 -3.05 6.17
C ARG A 7 -0.48 -4.40 6.06
N LYS A 8 -0.96 -4.69 4.87
CA LYS A 8 -1.50 -6.01 4.57
C LYS A 8 -0.45 -6.80 3.81
N ALA A 9 -0.28 -8.07 4.14
CA ALA A 9 0.80 -8.84 3.54
C ALA A 9 0.34 -9.55 2.26
N CYS A 10 0.99 -9.20 1.16
CA CYS A 10 0.87 -9.93 -0.07
C CYS A 10 2.25 -10.07 -0.68
N THR A 11 2.52 -11.14 -1.39
CA THR A 11 3.84 -11.38 -1.91
C THR A 11 3.80 -12.15 -3.23
N ARG A 12 3.71 -11.40 -4.32
CA ARG A 12 3.79 -11.98 -5.65
C ARG A 12 5.10 -11.57 -6.31
N GLU A 13 5.68 -10.51 -5.78
CA GLU A 13 6.82 -9.84 -6.40
C GLU A 13 7.25 -8.70 -5.48
N TRP A 14 8.44 -8.16 -5.67
CA TRP A 14 8.90 -7.07 -4.82
C TRP A 14 9.14 -5.81 -5.65
N TYR A 15 8.13 -4.96 -5.73
CA TYR A 15 8.31 -3.61 -6.17
C TYR A 15 7.80 -2.73 -5.07
N PRO A 16 8.69 -2.16 -4.29
CA PRO A 16 8.29 -1.42 -3.11
C PRO A 16 7.87 0.00 -3.43
N VAL A 17 6.81 0.47 -2.78
CA VAL A 17 6.33 1.84 -2.98
C VAL A 17 5.83 2.41 -1.65
N CYS A 18 5.54 3.69 -1.64
CA CYS A 18 4.99 4.33 -0.46
C CYS A 18 3.67 4.99 -0.81
N GLY A 19 2.71 4.88 0.08
CA GLY A 19 1.43 5.53 -0.14
C GLY A 19 1.38 6.89 0.54
N SER A 20 0.50 7.77 0.05
CA SER A 20 0.42 9.16 0.51
C SER A 20 0.17 9.30 2.02
N ASP A 21 -0.19 8.22 2.67
CA ASP A 21 -0.31 8.22 4.14
C ASP A 21 1.07 8.17 4.77
N GLY A 22 2.08 7.96 3.92
CA GLY A 22 3.43 7.73 4.38
C GLY A 22 3.62 6.29 4.75
N VAL A 23 2.84 5.42 4.09
CA VAL A 23 2.81 4.02 4.47
C VAL A 23 3.66 3.16 3.53
N THR A 24 4.34 2.19 4.10
CA THR A 24 5.23 1.30 3.37
C THR A 24 4.47 0.18 2.70
N TYR A 25 4.51 0.14 1.38
CA TYR A 25 3.89 -0.92 0.64
C TYR A 25 4.94 -1.87 0.08
N SER A 26 4.71 -3.15 0.31
CA SER A 26 5.65 -4.20 -0.05
C SER A 26 5.74 -4.38 -1.56
N ASN A 27 4.67 -4.06 -2.26
CA ASN A 27 4.56 -4.30 -3.70
C ASN A 27 3.19 -3.86 -4.20
N PRO A 28 2.95 -3.89 -5.54
CA PRO A 28 1.70 -3.41 -6.15
C PRO A 28 0.41 -3.92 -5.48
N CYS A 29 0.32 -5.23 -5.24
CA CYS A 29 -0.89 -5.80 -4.65
C CYS A 29 -1.19 -5.18 -3.30
N ASN A 30 -0.13 -4.89 -2.57
CA ASN A 30 -0.25 -4.34 -1.24
C ASN A 30 -0.87 -2.95 -1.28
N PHE A 31 -0.39 -2.11 -2.20
CA PHE A 31 -0.92 -0.76 -2.36
C PHE A 31 -2.37 -0.83 -2.85
N SER A 32 -2.59 -1.66 -3.87
CA SER A 32 -3.90 -1.78 -4.51
C SER A 32 -4.95 -2.32 -3.54
N ALA A 33 -4.65 -3.45 -2.90
CA ALA A 33 -5.64 -4.12 -2.04
C ALA A 33 -5.92 -3.30 -0.78
N GLN A 34 -4.86 -2.78 -0.17
CA GLN A 34 -5.00 -2.06 1.07
C GLN A 34 -5.86 -0.83 0.86
N GLN A 35 -5.64 -0.14 -0.24
CA GLN A 35 -6.37 1.07 -0.51
C GLN A 35 -7.77 0.81 -1.03
N GLU A 36 -7.95 -0.22 -1.84
CA GLU A 36 -9.27 -0.52 -2.36
C GLU A 36 -10.25 -0.83 -1.23
N GLN A 37 -9.76 -1.35 -0.11
CA GLN A 37 -10.65 -1.56 1.04
C GLN A 37 -10.50 -0.46 2.10
N CYS A 38 -9.28 0.00 2.34
CA CYS A 38 -9.03 0.89 3.48
C CYS A 38 -9.07 2.36 3.08
N ASP A 39 -7.99 2.84 2.47
CA ASP A 39 -7.89 4.25 2.13
C ASP A 39 -7.63 4.44 0.65
N PRO A 40 -8.70 4.55 -0.15
CA PRO A 40 -8.60 4.72 -1.60
C PRO A 40 -8.06 6.10 -2.00
N ASN A 41 -7.98 7.00 -1.04
CA ASN A 41 -7.72 8.41 -1.32
C ASN A 41 -6.26 8.70 -1.59
N ILE A 42 -5.35 7.86 -1.11
CA ILE A 42 -3.93 8.14 -1.26
C ILE A 42 -3.40 7.69 -2.61
N THR A 43 -2.26 8.24 -2.97
CA THR A 43 -1.61 7.92 -4.23
C THR A 43 -0.18 7.45 -3.91
N ILE A 44 0.53 6.92 -4.90
CA ILE A 44 1.91 6.53 -4.66
C ILE A 44 2.74 7.79 -4.38
N ALA A 45 3.30 7.86 -3.19
CA ALA A 45 4.09 9.01 -2.76
C ALA A 45 5.44 8.99 -3.45
N HIS A 46 6.04 7.82 -3.48
CA HIS A 46 7.31 7.63 -4.16
C HIS A 46 7.58 6.13 -4.31
N MET A 47 8.32 5.77 -5.34
CA MET A 47 8.75 4.40 -5.53
C MET A 47 9.84 4.10 -4.53
N GLY A 48 9.80 2.93 -3.95
CA GLY A 48 10.68 2.61 -2.85
C GLY A 48 9.90 2.53 -1.57
N GLU A 49 10.29 1.64 -0.67
CA GLU A 49 9.56 1.43 0.56
C GLU A 49 9.79 2.58 1.52
N CYS A 50 8.76 2.93 2.28
CA CYS A 50 8.90 3.91 3.34
C CYS A 50 9.44 3.26 4.61
N ALA A 1 -13.05 -5.43 4.64
CA ALA A 1 -12.61 -4.33 5.53
C ALA A 1 -12.85 -2.99 4.85
N GLU A 2 -13.51 -2.08 5.56
CA GLU A 2 -13.76 -0.75 5.04
C GLU A 2 -12.81 0.25 5.68
N ASP A 3 -12.53 0.05 6.96
CA ASP A 3 -11.58 0.89 7.66
C ASP A 3 -10.49 0.02 8.26
N CYS A 4 -9.27 0.18 7.77
CA CYS A 4 -8.14 -0.59 8.24
C CYS A 4 -6.84 0.18 8.05
N VAL A 5 -6.17 0.52 9.13
CA VAL A 5 -4.92 1.24 9.04
C VAL A 5 -3.76 0.32 9.38
N GLY A 6 -2.82 0.21 8.46
CA GLY A 6 -1.66 -0.60 8.68
C GLY A 6 -1.18 -1.20 7.38
N ARG A 7 -0.80 -2.46 7.42
CA ARG A 7 -0.31 -3.14 6.24
C ARG A 7 -1.03 -4.46 6.03
N LYS A 8 -1.45 -4.71 4.80
CA LYS A 8 -2.02 -5.99 4.42
C LYS A 8 -0.93 -6.80 3.74
N ALA A 9 -0.75 -8.03 4.15
CA ALA A 9 0.35 -8.81 3.65
C ALA A 9 0.08 -9.33 2.24
N CYS A 10 0.89 -8.85 1.32
CA CYS A 10 0.96 -9.40 -0.01
C CYS A 10 2.42 -9.41 -0.41
N THR A 11 2.85 -10.39 -1.17
CA THR A 11 4.27 -10.57 -1.46
C THR A 11 4.47 -11.57 -2.58
N ARG A 12 3.84 -11.29 -3.70
CA ARG A 12 4.02 -12.10 -4.89
C ARG A 12 5.31 -11.69 -5.58
N GLU A 13 5.71 -10.46 -5.32
CA GLU A 13 6.89 -9.86 -5.92
C GLU A 13 7.27 -8.64 -5.09
N TRP A 14 8.52 -8.21 -5.16
CA TRP A 14 8.93 -7.03 -4.42
C TRP A 14 9.26 -5.88 -5.36
N TYR A 15 8.28 -5.04 -5.60
CA TYR A 15 8.51 -3.74 -6.20
C TYR A 15 8.01 -2.74 -5.20
N PRO A 16 8.91 -2.14 -4.43
CA PRO A 16 8.49 -1.35 -3.29
C PRO A 16 8.05 0.05 -3.65
N VAL A 17 6.98 0.49 -3.02
CA VAL A 17 6.46 1.84 -3.21
C VAL A 17 5.96 2.38 -1.88
N CYS A 18 5.56 3.64 -1.87
CA CYS A 18 5.07 4.26 -0.66
C CYS A 18 3.71 4.89 -0.90
N GLY A 19 2.81 4.73 0.05
CA GLY A 19 1.52 5.38 -0.03
C GLY A 19 1.54 6.72 0.65
N SER A 20 0.68 7.65 0.20
CA SER A 20 0.66 9.04 0.69
C SER A 20 0.50 9.15 2.21
N ASP A 21 0.07 8.07 2.84
CA ASP A 21 -0.01 8.02 4.30
C ASP A 21 1.38 7.92 4.92
N GLY A 22 2.37 7.73 4.05
CA GLY A 22 3.74 7.52 4.48
C GLY A 22 3.98 6.07 4.78
N VAL A 23 3.23 5.21 4.11
CA VAL A 23 3.24 3.79 4.41
C VAL A 23 3.99 3.00 3.35
N THR A 24 4.75 2.00 3.78
CA THR A 24 5.54 1.18 2.88
C THR A 24 4.72 0.06 2.30
N TYR A 25 4.65 0.02 0.98
CA TYR A 25 3.94 -1.03 0.30
C TYR A 25 4.90 -1.96 -0.43
N SER A 26 4.65 -3.25 -0.24
CA SER A 26 5.52 -4.31 -0.73
C SER A 26 5.57 -4.38 -2.27
N ASN A 27 4.44 -4.08 -2.90
CA ASN A 27 4.33 -4.09 -4.35
C ASN A 27 2.91 -3.65 -4.72
N PRO A 28 2.57 -3.53 -6.03
CA PRO A 28 1.25 -3.07 -6.47
C PRO A 28 0.07 -3.73 -5.76
N CYS A 29 0.10 -5.05 -5.55
CA CYS A 29 -1.02 -5.75 -4.91
C CYS A 29 -1.27 -5.21 -3.51
N ASN A 30 -0.20 -4.88 -2.81
CA ASN A 30 -0.28 -4.40 -1.44
C ASN A 30 -0.93 -3.02 -1.41
N PHE A 31 -0.48 -2.13 -2.30
CA PHE A 31 -1.06 -0.79 -2.42
C PHE A 31 -2.50 -0.89 -2.91
N SER A 32 -2.72 -1.69 -3.95
CA SER A 32 -4.03 -1.81 -4.56
C SER A 32 -5.06 -2.38 -3.59
N ALA A 33 -4.73 -3.50 -2.95
CA ALA A 33 -5.67 -4.18 -2.07
C ALA A 33 -5.93 -3.36 -0.83
N GLN A 34 -4.88 -2.82 -0.24
CA GLN A 34 -5.01 -2.06 0.98
C GLN A 34 -5.80 -0.78 0.72
N GLN A 35 -5.62 -0.20 -0.45
CA GLN A 35 -6.27 1.04 -0.80
C GLN A 35 -7.73 0.82 -1.17
N GLU A 36 -8.01 -0.29 -1.85
CA GLU A 36 -9.37 -0.57 -2.27
C GLU A 36 -10.25 -0.93 -1.07
N GLN A 37 -9.66 -1.49 -0.02
CA GLN A 37 -10.44 -1.84 1.15
C GLN A 37 -10.33 -0.81 2.26
N CYS A 38 -9.17 -0.20 2.42
CA CYS A 38 -8.96 0.68 3.55
C CYS A 38 -9.00 2.15 3.14
N ASP A 39 -7.92 2.65 2.54
CA ASP A 39 -7.85 4.09 2.21
C ASP A 39 -7.73 4.29 0.70
N PRO A 40 -8.86 4.60 0.06
CA PRO A 40 -8.89 4.84 -1.39
C PRO A 40 -8.26 6.17 -1.80
N ASN A 41 -8.04 7.04 -0.81
CA ASN A 41 -7.76 8.44 -1.09
C ASN A 41 -6.28 8.71 -1.33
N ILE A 42 -5.40 7.84 -0.87
CA ILE A 42 -3.98 8.10 -1.05
C ILE A 42 -3.48 7.61 -2.40
N THR A 43 -2.30 8.05 -2.76
CA THR A 43 -1.66 7.70 -4.00
C THR A 43 -0.22 7.28 -3.74
N ILE A 44 0.45 6.73 -4.74
CA ILE A 44 1.85 6.39 -4.57
C ILE A 44 2.65 7.68 -4.38
N ALA A 45 3.29 7.80 -3.22
CA ALA A 45 4.05 8.99 -2.88
C ALA A 45 5.39 8.99 -3.58
N HIS A 46 6.04 7.84 -3.57
CA HIS A 46 7.32 7.67 -4.25
C HIS A 46 7.62 6.19 -4.39
N MET A 47 8.47 5.85 -5.35
CA MET A 47 8.91 4.49 -5.53
C MET A 47 10.01 4.19 -4.53
N GLY A 48 9.97 3.01 -3.93
CA GLY A 48 10.88 2.68 -2.86
C GLY A 48 10.16 2.58 -1.54
N GLU A 49 10.69 1.77 -0.64
CA GLU A 49 10.06 1.57 0.66
C GLU A 49 10.08 2.85 1.50
N CYS A 50 9.08 3.01 2.35
CA CYS A 50 9.01 4.17 3.23
C CYS A 50 9.47 3.79 4.63
N ALA A 1 -13.61 -4.75 4.76
CA ALA A 1 -13.00 -3.70 5.61
C ALA A 1 -13.23 -2.32 5.02
N GLU A 2 -13.34 -1.33 5.89
CA GLU A 2 -13.38 0.06 5.47
C GLU A 2 -12.33 0.86 6.22
N ASP A 3 -12.09 0.48 7.48
CA ASP A 3 -11.07 1.12 8.28
C ASP A 3 -9.99 0.10 8.61
N CYS A 4 -8.82 0.31 8.06
CA CYS A 4 -7.67 -0.52 8.35
C CYS A 4 -6.40 0.29 8.10
N VAL A 5 -5.47 0.20 9.02
CA VAL A 5 -4.24 0.98 8.90
C VAL A 5 -3.01 0.08 9.07
N GLY A 6 -2.06 0.22 8.18
CA GLY A 6 -0.82 -0.49 8.30
C GLY A 6 -0.42 -1.16 7.02
N ARG A 7 -0.08 -2.43 7.10
CA ARG A 7 0.41 -3.15 5.94
C ARG A 7 -0.34 -4.47 5.79
N LYS A 8 -0.85 -4.69 4.59
CA LYS A 8 -1.46 -5.97 4.23
C LYS A 8 -0.46 -6.80 3.43
N ALA A 9 -0.32 -8.06 3.77
CA ALA A 9 0.72 -8.89 3.19
C ALA A 9 0.34 -9.44 1.83
N CYS A 10 1.14 -9.11 0.83
CA CYS A 10 1.04 -9.71 -0.49
C CYS A 10 2.45 -10.05 -0.96
N THR A 11 2.61 -11.11 -1.73
CA THR A 11 3.94 -11.56 -2.11
C THR A 11 3.92 -12.32 -3.44
N ARG A 12 3.62 -11.61 -4.53
CA ARG A 12 3.75 -12.19 -5.85
C ARG A 12 4.89 -11.52 -6.61
N GLU A 13 5.49 -10.54 -5.94
CA GLU A 13 6.60 -9.77 -6.47
C GLU A 13 6.93 -8.66 -5.49
N TRP A 14 8.17 -8.23 -5.45
CA TRP A 14 8.58 -7.18 -4.54
C TRP A 14 8.90 -5.90 -5.32
N TYR A 15 7.91 -5.04 -5.43
CA TYR A 15 8.13 -3.69 -5.88
C TYR A 15 7.67 -2.79 -4.77
N PRO A 16 8.58 -2.27 -3.98
CA PRO A 16 8.21 -1.53 -2.80
C PRO A 16 7.84 -0.09 -3.13
N VAL A 17 6.79 0.40 -2.51
CA VAL A 17 6.32 1.76 -2.75
C VAL A 17 5.81 2.38 -1.46
N CYS A 18 5.42 3.63 -1.53
CA CYS A 18 4.88 4.32 -0.39
C CYS A 18 3.50 4.88 -0.70
N GLY A 19 2.55 4.61 0.16
CA GLY A 19 1.23 5.19 0.02
C GLY A 19 1.22 6.62 0.53
N SER A 20 0.39 7.46 -0.08
CA SER A 20 0.39 8.90 0.17
C SER A 20 0.13 9.25 1.63
N ASP A 21 -0.30 8.29 2.43
CA ASP A 21 -0.46 8.49 3.87
C ASP A 21 0.90 8.45 4.58
N GLY A 22 1.92 8.07 3.82
CA GLY A 22 3.25 7.92 4.37
C GLY A 22 3.50 6.49 4.79
N VAL A 23 2.78 5.57 4.18
CA VAL A 23 2.82 4.18 4.59
C VAL A 23 3.61 3.33 3.59
N THR A 24 4.39 2.40 4.10
CA THR A 24 5.20 1.52 3.26
C THR A 24 4.40 0.35 2.74
N TYR A 25 4.39 0.20 1.43
CA TYR A 25 3.71 -0.92 0.80
C TYR A 25 4.70 -1.86 0.14
N SER A 26 4.48 -3.15 0.34
CA SER A 26 5.38 -4.20 -0.10
C SER A 26 5.41 -4.35 -1.62
N ASN A 27 4.30 -4.02 -2.28
CA ASN A 27 4.20 -4.10 -3.74
C ASN A 27 2.91 -3.44 -4.22
N PRO A 28 2.74 -3.21 -5.53
CA PRO A 28 1.50 -2.64 -6.09
C PRO A 28 0.26 -3.37 -5.61
N CYS A 29 0.37 -4.70 -5.50
CA CYS A 29 -0.71 -5.53 -4.99
C CYS A 29 -1.14 -5.06 -3.61
N ASN A 30 -0.17 -4.90 -2.72
CA ASN A 30 -0.41 -4.44 -1.37
C ASN A 30 -1.02 -3.04 -1.37
N PHE A 31 -0.46 -2.14 -2.18
CA PHE A 31 -0.98 -0.78 -2.25
C PHE A 31 -2.42 -0.77 -2.74
N SER A 32 -2.71 -1.48 -3.82
CA SER A 32 -4.05 -1.48 -4.39
C SER A 32 -5.06 -2.14 -3.45
N ALA A 33 -4.73 -3.34 -2.96
CA ALA A 33 -5.65 -4.10 -2.12
C ALA A 33 -5.89 -3.37 -0.80
N GLN A 34 -4.82 -2.86 -0.23
CA GLN A 34 -4.92 -2.15 1.03
C GLN A 34 -5.73 -0.87 0.84
N GLN A 35 -5.56 -0.25 -0.30
CA GLN A 35 -6.23 1.01 -0.56
C GLN A 35 -7.72 0.81 -0.80
N GLU A 36 -8.08 -0.19 -1.59
CA GLU A 36 -9.49 -0.45 -1.87
C GLU A 36 -10.25 -0.85 -0.59
N GLN A 37 -9.55 -1.50 0.34
CA GLN A 37 -10.18 -1.85 1.62
C GLN A 37 -10.08 -0.74 2.66
N CYS A 38 -8.97 -0.01 2.64
CA CYS A 38 -8.72 0.96 3.70
C CYS A 38 -8.86 2.40 3.21
N ASP A 39 -7.83 2.92 2.55
CA ASP A 39 -7.80 4.33 2.19
C ASP A 39 -7.55 4.50 0.69
N PRO A 40 -8.62 4.42 -0.11
CA PRO A 40 -8.53 4.36 -1.58
C PRO A 40 -8.03 5.64 -2.22
N ASN A 41 -7.99 6.72 -1.46
CA ASN A 41 -7.76 8.04 -2.03
C ASN A 41 -6.31 8.50 -1.90
N ILE A 42 -5.40 7.62 -1.52
CA ILE A 42 -4.00 7.99 -1.50
C ILE A 42 -3.31 7.51 -2.76
N THR A 43 -2.28 8.23 -3.16
CA THR A 43 -1.52 7.91 -4.35
C THR A 43 -0.16 7.34 -3.96
N ILE A 44 0.56 6.76 -4.89
CA ILE A 44 1.92 6.33 -4.61
C ILE A 44 2.80 7.55 -4.44
N ALA A 45 3.37 7.68 -3.25
CA ALA A 45 4.18 8.84 -2.91
C ALA A 45 5.54 8.75 -3.60
N HIS A 46 6.20 7.62 -3.46
CA HIS A 46 7.48 7.42 -4.10
C HIS A 46 7.79 5.94 -4.18
N MET A 47 8.68 5.59 -5.10
CA MET A 47 9.16 4.23 -5.23
C MET A 47 10.07 3.91 -4.05
N GLY A 48 10.03 2.67 -3.60
CA GLY A 48 10.81 2.28 -2.45
C GLY A 48 10.01 2.35 -1.17
N GLU A 49 10.41 1.56 -0.18
CA GLU A 49 9.71 1.54 1.10
C GLU A 49 9.79 2.92 1.78
N CYS A 50 8.77 3.26 2.55
CA CYS A 50 8.67 4.58 3.15
C CYS A 50 9.32 4.60 4.53
N ALA A 1 -13.15 -6.10 3.76
CA ALA A 1 -12.22 -5.17 4.44
C ALA A 1 -12.61 -3.74 4.16
N GLU A 2 -12.76 -2.95 5.22
CA GLU A 2 -13.05 -1.53 5.08
C GLU A 2 -12.12 -0.72 5.97
N ASP A 3 -11.80 -1.26 7.14
CA ASP A 3 -10.83 -0.63 8.02
C ASP A 3 -9.62 -1.55 8.20
N CYS A 4 -8.49 -1.09 7.71
CA CYS A 4 -7.22 -1.75 7.95
C CYS A 4 -6.12 -0.71 7.90
N VAL A 5 -5.16 -0.82 8.79
CA VAL A 5 -4.17 0.23 8.93
C VAL A 5 -2.75 -0.34 8.89
N GLY A 6 -1.92 0.30 8.09
CA GLY A 6 -0.54 -0.10 8.00
C GLY A 6 -0.27 -0.73 6.65
N ARG A 7 0.12 -1.99 6.67
CA ARG A 7 0.23 -2.74 5.44
C ARG A 7 -0.46 -4.08 5.57
N LYS A 8 -1.25 -4.43 4.57
CA LYS A 8 -1.81 -5.77 4.49
C LYS A 8 -0.98 -6.59 3.52
N ALA A 9 -0.47 -7.71 4.01
CA ALA A 9 0.63 -8.38 3.33
C ALA A 9 0.18 -9.14 2.08
N CYS A 10 0.77 -8.75 0.97
CA CYS A 10 0.68 -9.50 -0.28
C CYS A 10 2.10 -9.69 -0.79
N THR A 11 2.39 -10.80 -1.45
CA THR A 11 3.74 -11.09 -1.87
C THR A 11 3.77 -11.92 -3.15
N ARG A 12 3.22 -11.35 -4.21
CA ARG A 12 3.28 -11.99 -5.53
C ARG A 12 4.52 -11.52 -6.27
N GLU A 13 5.12 -10.47 -5.74
CA GLU A 13 6.23 -9.78 -6.37
C GLU A 13 6.74 -8.73 -5.39
N TRP A 14 7.98 -8.30 -5.53
CA TRP A 14 8.50 -7.28 -4.63
C TRP A 14 8.90 -6.03 -5.40
N TYR A 15 7.97 -5.10 -5.49
CA TYR A 15 8.26 -3.75 -5.93
C TYR A 15 7.81 -2.85 -4.81
N PRO A 16 8.72 -2.37 -4.01
CA PRO A 16 8.35 -1.63 -2.82
C PRO A 16 8.02 -0.19 -3.15
N VAL A 17 6.96 0.32 -2.53
CA VAL A 17 6.49 1.66 -2.78
C VAL A 17 5.99 2.31 -1.50
N CYS A 18 5.54 3.55 -1.61
CA CYS A 18 5.03 4.27 -0.47
C CYS A 18 3.65 4.83 -0.77
N GLY A 19 2.73 4.66 0.16
CA GLY A 19 1.42 5.27 0.04
C GLY A 19 1.45 6.70 0.49
N SER A 20 0.63 7.54 -0.13
CA SER A 20 0.64 9.00 0.07
C SER A 20 0.43 9.39 1.53
N ASP A 21 -0.01 8.45 2.35
CA ASP A 21 -0.17 8.70 3.78
C ASP A 21 1.21 8.66 4.47
N GLY A 22 2.22 8.23 3.70
CA GLY A 22 3.55 8.09 4.22
C GLY A 22 3.80 6.69 4.72
N VAL A 23 3.07 5.73 4.15
CA VAL A 23 3.12 4.35 4.62
C VAL A 23 3.89 3.45 3.65
N THR A 24 4.65 2.51 4.20
CA THR A 24 5.50 1.62 3.41
C THR A 24 4.69 0.43 2.88
N TYR A 25 4.76 0.22 1.57
CA TYR A 25 4.09 -0.89 0.95
C TYR A 25 5.06 -1.85 0.30
N SER A 26 4.80 -3.14 0.50
CA SER A 26 5.66 -4.21 0.03
C SER A 26 5.65 -4.34 -1.49
N ASN A 27 4.53 -3.96 -2.12
CA ASN A 27 4.38 -4.08 -3.57
C ASN A 27 3.08 -3.43 -4.01
N PRO A 28 2.88 -3.25 -5.34
CA PRO A 28 1.63 -2.69 -5.87
C PRO A 28 0.39 -3.40 -5.34
N CYS A 29 0.47 -4.73 -5.27
CA CYS A 29 -0.63 -5.55 -4.74
C CYS A 29 -1.04 -5.11 -3.34
N ASN A 30 -0.04 -4.87 -2.50
CA ASN A 30 -0.26 -4.44 -1.13
C ASN A 30 -0.96 -3.08 -1.10
N PHE A 31 -0.45 -2.16 -1.91
CA PHE A 31 -1.02 -0.82 -1.97
C PHE A 31 -2.41 -0.86 -2.57
N SER A 32 -2.55 -1.56 -3.70
CA SER A 32 -3.81 -1.57 -4.43
C SER A 32 -4.92 -2.20 -3.61
N ALA A 33 -4.68 -3.38 -3.05
CA ALA A 33 -5.70 -4.10 -2.32
C ALA A 33 -6.07 -3.37 -1.04
N GLN A 34 -5.06 -2.93 -0.31
CA GLN A 34 -5.29 -2.26 0.96
C GLN A 34 -6.00 -0.92 0.73
N GLN A 35 -5.72 -0.31 -0.41
CA GLN A 35 -6.29 1.00 -0.73
C GLN A 35 -7.72 0.88 -1.20
N GLU A 36 -7.98 -0.04 -2.11
CA GLU A 36 -9.33 -0.25 -2.63
C GLU A 36 -10.28 -0.66 -1.51
N GLN A 37 -9.74 -1.34 -0.51
CA GLN A 37 -10.57 -1.83 0.58
C GLN A 37 -10.58 -0.86 1.78
N CYS A 38 -9.46 -0.19 2.04
CA CYS A 38 -9.34 0.58 3.26
C CYS A 38 -9.09 2.08 3.02
N ASP A 39 -7.93 2.43 2.44
CA ASP A 39 -7.54 3.82 2.30
C ASP A 39 -7.43 4.24 0.83
N PRO A 40 -8.58 4.43 0.16
CA PRO A 40 -8.62 4.72 -1.28
C PRO A 40 -8.15 6.13 -1.61
N ASN A 41 -8.04 6.96 -0.59
CA ASN A 41 -7.82 8.38 -0.79
C ASN A 41 -6.37 8.71 -1.15
N ILE A 42 -5.45 7.80 -0.83
CA ILE A 42 -4.04 8.09 -1.06
C ILE A 42 -3.55 7.54 -2.39
N THR A 43 -2.53 8.18 -2.94
CA THR A 43 -1.92 7.76 -4.18
C THR A 43 -0.52 7.24 -3.92
N ILE A 44 0.10 6.59 -4.90
CA ILE A 44 1.48 6.16 -4.75
C ILE A 44 2.39 7.38 -4.66
N ALA A 45 3.08 7.51 -3.53
CA ALA A 45 3.91 8.66 -3.26
C ALA A 45 5.22 8.56 -4.02
N HIS A 46 5.89 7.43 -3.88
CA HIS A 46 7.15 7.19 -4.56
C HIS A 46 7.52 5.72 -4.51
N MET A 47 8.44 5.33 -5.37
CA MET A 47 9.00 3.98 -5.33
C MET A 47 9.96 3.88 -4.16
N GLY A 48 10.03 2.71 -3.56
CA GLY A 48 10.88 2.55 -2.41
C GLY A 48 10.09 2.58 -1.12
N GLU A 49 10.55 1.81 -0.15
CA GLU A 49 9.90 1.72 1.15
C GLU A 49 9.99 3.05 1.89
N CYS A 50 8.99 3.34 2.72
CA CYS A 50 8.95 4.57 3.47
C CYS A 50 9.42 4.36 4.90
N ALA A 1 -12.67 -6.44 3.76
CA ALA A 1 -11.77 -5.64 4.63
C ALA A 1 -12.50 -4.44 5.20
N GLU A 2 -12.78 -3.45 4.33
CA GLU A 2 -13.48 -2.23 4.72
C GLU A 2 -12.60 -1.33 5.58
N ASP A 3 -12.32 -1.77 6.80
CA ASP A 3 -11.49 -0.98 7.69
C ASP A 3 -10.24 -1.76 8.09
N CYS A 4 -9.10 -1.27 7.63
CA CYS A 4 -7.82 -1.75 8.09
C CYS A 4 -6.80 -0.63 7.88
N VAL A 5 -6.11 -0.24 8.93
CA VAL A 5 -5.26 0.93 8.85
C VAL A 5 -3.80 0.52 8.70
N GLY A 6 -3.17 1.07 7.67
CA GLY A 6 -1.76 0.85 7.46
C GLY A 6 -1.51 0.10 6.18
N ARG A 7 -0.94 -1.08 6.29
CA ARG A 7 -0.76 -1.93 5.14
C ARG A 7 -1.23 -3.34 5.46
N LYS A 8 -1.98 -3.93 4.57
CA LYS A 8 -2.27 -5.34 4.67
C LYS A 8 -1.35 -6.07 3.71
N ALA A 9 -0.56 -7.00 4.22
CA ALA A 9 0.59 -7.50 3.49
C ALA A 9 0.24 -8.47 2.37
N CYS A 10 0.76 -8.18 1.19
CA CYS A 10 0.70 -9.09 0.06
C CYS A 10 2.15 -9.43 -0.33
N THR A 11 2.38 -10.64 -0.82
CA THR A 11 3.75 -11.06 -1.12
C THR A 11 3.79 -12.12 -2.23
N ARG A 12 3.68 -11.67 -3.46
CA ARG A 12 3.90 -12.54 -4.62
C ARG A 12 5.12 -12.04 -5.41
N GLU A 13 5.34 -10.75 -5.33
CA GLU A 13 6.47 -10.10 -5.99
C GLU A 13 6.89 -8.90 -5.13
N TRP A 14 8.11 -8.42 -5.28
CA TRP A 14 8.55 -7.30 -4.47
C TRP A 14 8.91 -6.10 -5.35
N TYR A 15 7.93 -5.23 -5.53
CA TYR A 15 8.18 -3.90 -6.06
C TYR A 15 7.69 -2.94 -5.01
N PRO A 16 8.56 -2.40 -4.20
CA PRO A 16 8.14 -1.60 -3.07
C PRO A 16 7.80 -0.17 -3.46
N VAL A 17 6.73 0.36 -2.86
CA VAL A 17 6.34 1.74 -3.08
C VAL A 17 5.91 2.35 -1.76
N CYS A 18 5.67 3.65 -1.75
CA CYS A 18 5.20 4.31 -0.56
C CYS A 18 3.82 4.89 -0.76
N GLY A 19 2.92 4.60 0.18
CA GLY A 19 1.62 5.22 0.17
C GLY A 19 1.68 6.58 0.83
N SER A 20 0.93 7.53 0.29
CA SER A 20 1.01 8.93 0.69
C SER A 20 0.69 9.15 2.17
N ASP A 21 0.16 8.13 2.84
CA ASP A 21 -0.05 8.19 4.28
C ASP A 21 1.29 8.07 5.00
N GLY A 22 2.33 7.76 4.22
CA GLY A 22 3.65 7.55 4.76
C GLY A 22 3.90 6.09 5.10
N VAL A 23 3.17 5.22 4.41
CA VAL A 23 3.25 3.80 4.70
C VAL A 23 4.04 3.04 3.62
N THR A 24 4.88 2.11 4.07
CA THR A 24 5.73 1.34 3.20
C THR A 24 4.98 0.14 2.64
N TYR A 25 4.80 0.10 1.33
CA TYR A 25 4.08 -0.97 0.70
C TYR A 25 5.02 -1.97 0.06
N SER A 26 4.76 -3.24 0.34
CA SER A 26 5.58 -4.35 -0.09
C SER A 26 5.63 -4.49 -1.61
N ASN A 27 4.55 -4.10 -2.28
CA ASN A 27 4.43 -4.26 -3.72
C ASN A 27 3.15 -3.60 -4.23
N PRO A 28 2.97 -3.47 -5.56
CA PRO A 28 1.74 -2.91 -6.14
C PRO A 28 0.49 -3.62 -5.62
N CYS A 29 0.59 -4.93 -5.46
CA CYS A 29 -0.49 -5.74 -4.90
C CYS A 29 -0.90 -5.19 -3.53
N ASN A 30 0.09 -4.87 -2.71
CA ASN A 30 -0.14 -4.38 -1.38
C ASN A 30 -0.80 -3.01 -1.44
N PHE A 31 -0.28 -2.12 -2.28
CA PHE A 31 -0.83 -0.77 -2.39
C PHE A 31 -2.25 -0.81 -2.93
N SER A 32 -2.44 -1.55 -4.02
CA SER A 32 -3.75 -1.58 -4.68
C SER A 32 -4.81 -2.19 -3.77
N ALA A 33 -4.53 -3.39 -3.25
CA ALA A 33 -5.52 -4.12 -2.45
C ALA A 33 -5.80 -3.42 -1.14
N GLN A 34 -4.76 -2.94 -0.50
CA GLN A 34 -4.87 -2.24 0.77
C GLN A 34 -5.66 -0.95 0.59
N GLN A 35 -5.49 -0.32 -0.55
CA GLN A 35 -6.16 0.94 -0.85
C GLN A 35 -7.62 0.71 -1.24
N GLU A 36 -7.85 -0.20 -2.17
CA GLU A 36 -9.20 -0.45 -2.65
C GLU A 36 -10.07 -1.05 -1.54
N GLN A 37 -9.44 -1.71 -0.59
CA GLN A 37 -10.16 -2.33 0.52
C GLN A 37 -10.25 -1.40 1.73
N CYS A 38 -9.24 -0.58 1.97
CA CYS A 38 -9.16 0.16 3.23
C CYS A 38 -8.83 1.65 3.07
N ASP A 39 -7.70 1.97 2.46
CA ASP A 39 -7.24 3.37 2.38
C ASP A 39 -7.23 3.89 0.94
N PRO A 40 -8.41 4.08 0.32
CA PRO A 40 -8.50 4.46 -1.09
C PRO A 40 -8.09 5.91 -1.33
N ASN A 41 -8.00 6.67 -0.26
CA ASN A 41 -7.87 8.12 -0.35
C ASN A 41 -6.43 8.58 -0.44
N ILE A 42 -5.47 7.67 -0.29
CA ILE A 42 -4.07 8.05 -0.39
C ILE A 42 -3.57 7.88 -1.82
N THR A 43 -2.37 8.37 -2.07
CA THR A 43 -1.76 8.36 -3.39
C THR A 43 -0.37 7.72 -3.30
N ILE A 44 0.23 7.40 -4.43
CA ILE A 44 1.60 6.91 -4.43
C ILE A 44 2.53 8.08 -4.10
N ALA A 45 3.27 7.95 -3.01
CA ALA A 45 4.13 9.01 -2.54
C ALA A 45 5.46 9.00 -3.30
N HIS A 46 6.05 7.82 -3.43
CA HIS A 46 7.28 7.65 -4.17
C HIS A 46 7.56 6.19 -4.43
N MET A 47 8.33 5.92 -5.46
CA MET A 47 8.74 4.55 -5.77
C MET A 47 9.80 4.13 -4.76
N GLY A 48 9.93 2.84 -4.56
CA GLY A 48 10.81 2.35 -3.52
C GLY A 48 10.08 2.29 -2.20
N GLU A 49 10.54 1.46 -1.30
CA GLU A 49 9.89 1.29 -0.02
C GLU A 49 9.96 2.58 0.79
N CYS A 50 8.84 2.95 1.38
CA CYS A 50 8.75 4.18 2.15
C CYS A 50 9.70 4.16 3.33
N ALA A 1 -12.91 -5.86 4.09
CA ALA A 1 -12.32 -4.93 5.09
C ALA A 1 -12.70 -3.50 4.74
N GLU A 2 -13.18 -2.77 5.73
CA GLU A 2 -13.49 -1.36 5.55
C GLU A 2 -12.57 -0.50 6.41
N ASP A 3 -12.22 -1.02 7.58
CA ASP A 3 -11.27 -0.34 8.44
C ASP A 3 -10.07 -1.23 8.69
N CYS A 4 -8.94 -0.82 8.15
CA CYS A 4 -7.67 -1.47 8.44
C CYS A 4 -6.56 -0.46 8.22
N VAL A 5 -5.55 -0.50 9.06
CA VAL A 5 -4.46 0.45 8.95
C VAL A 5 -3.11 -0.27 8.95
N GLY A 6 -2.27 0.08 7.99
CA GLY A 6 -0.96 -0.50 7.91
C GLY A 6 -0.71 -1.12 6.56
N ARG A 7 -0.49 -2.42 6.56
CA ARG A 7 -0.25 -3.13 5.32
C ARG A 7 -1.14 -4.37 5.23
N LYS A 8 -1.65 -4.62 4.04
CA LYS A 8 -2.25 -5.91 3.74
C LYS A 8 -1.24 -6.74 2.98
N ALA A 9 -0.93 -7.92 3.51
CA ALA A 9 0.26 -8.63 3.11
C ALA A 9 0.13 -9.30 1.74
N CYS A 10 1.01 -8.87 0.84
CA CYS A 10 1.25 -9.57 -0.41
C CYS A 10 2.75 -9.80 -0.51
N THR A 11 3.18 -10.91 -1.09
CA THR A 11 4.60 -11.21 -1.21
C THR A 11 4.84 -12.13 -2.41
N ARG A 12 3.98 -12.01 -3.39
CA ARG A 12 4.09 -12.76 -4.64
C ARG A 12 5.08 -12.06 -5.58
N GLU A 13 5.53 -10.89 -5.15
CA GLU A 13 6.24 -9.98 -6.00
C GLU A 13 6.78 -8.85 -5.13
N TRP A 14 7.90 -8.24 -5.50
CA TRP A 14 8.41 -7.14 -4.70
C TRP A 14 8.70 -5.91 -5.54
N TYR A 15 7.73 -5.02 -5.63
CA TYR A 15 7.96 -3.68 -6.10
C TYR A 15 7.54 -2.76 -4.99
N PRO A 16 8.48 -2.25 -4.23
CA PRO A 16 8.13 -1.48 -3.06
C PRO A 16 7.77 -0.05 -3.42
N VAL A 17 6.73 0.47 -2.79
CA VAL A 17 6.30 1.84 -3.02
C VAL A 17 5.85 2.45 -1.71
N CYS A 18 5.50 3.72 -1.75
CA CYS A 18 5.05 4.42 -0.57
C CYS A 18 3.68 5.01 -0.79
N GLY A 19 2.77 4.73 0.12
CA GLY A 19 1.46 5.33 0.08
C GLY A 19 1.50 6.72 0.64
N SER A 20 0.66 7.62 0.09
CA SER A 20 0.71 9.04 0.43
C SER A 20 0.47 9.30 1.92
N ASP A 21 0.02 8.29 2.65
CA ASP A 21 -0.12 8.39 4.10
C ASP A 21 1.25 8.31 4.77
N GLY A 22 2.26 8.02 3.96
CA GLY A 22 3.61 7.84 4.46
C GLY A 22 3.86 6.40 4.84
N VAL A 23 3.13 5.49 4.20
CA VAL A 23 3.20 4.08 4.55
C VAL A 23 3.96 3.27 3.50
N THR A 24 4.75 2.31 3.96
CA THR A 24 5.54 1.48 3.08
C THR A 24 4.73 0.30 2.54
N TYR A 25 4.66 0.21 1.22
CA TYR A 25 3.95 -0.86 0.58
C TYR A 25 4.90 -1.83 -0.11
N SER A 26 4.61 -3.11 0.09
CA SER A 26 5.47 -4.19 -0.36
C SER A 26 5.46 -4.34 -1.88
N ASN A 27 4.33 -4.02 -2.51
CA ASN A 27 4.16 -4.22 -3.93
C ASN A 27 2.81 -3.67 -4.39
N PRO A 28 2.55 -3.62 -5.71
CA PRO A 28 1.26 -3.16 -6.24
C PRO A 28 0.07 -3.87 -5.56
N CYS A 29 0.20 -5.17 -5.33
CA CYS A 29 -0.85 -5.93 -4.65
C CYS A 29 -1.18 -5.29 -3.30
N ASN A 30 -0.14 -5.03 -2.53
CA ASN A 30 -0.26 -4.47 -1.20
C ASN A 30 -0.88 -3.08 -1.24
N PHE A 31 -0.40 -2.23 -2.14
CA PHE A 31 -0.92 -0.87 -2.28
C PHE A 31 -2.37 -0.91 -2.77
N SER A 32 -2.64 -1.70 -3.80
CA SER A 32 -3.96 -1.75 -4.40
C SER A 32 -4.99 -2.27 -3.41
N ALA A 33 -4.70 -3.41 -2.79
CA ALA A 33 -5.66 -4.06 -1.91
C ALA A 33 -5.91 -3.22 -0.67
N GLN A 34 -4.84 -2.69 -0.10
CA GLN A 34 -4.94 -1.89 1.10
C GLN A 34 -5.74 -0.61 0.83
N GLN A 35 -5.53 -0.05 -0.35
CA GLN A 35 -6.19 1.18 -0.73
C GLN A 35 -7.65 0.94 -1.07
N GLU A 36 -7.93 -0.04 -1.92
CA GLU A 36 -9.30 -0.29 -2.37
C GLU A 36 -10.19 -0.75 -1.22
N GLN A 37 -9.59 -1.35 -0.19
CA GLN A 37 -10.36 -1.81 0.96
C GLN A 37 -10.43 -0.79 2.08
N CYS A 38 -9.36 -0.03 2.29
CA CYS A 38 -9.27 0.77 3.49
C CYS A 38 -9.03 2.26 3.24
N ASP A 39 -7.98 2.61 2.50
CA ASP A 39 -7.74 4.04 2.22
C ASP A 39 -7.43 4.27 0.75
N PRO A 40 -8.48 4.42 -0.07
CA PRO A 40 -8.34 4.62 -1.51
C PRO A 40 -7.85 6.01 -1.88
N ASN A 41 -7.87 6.91 -0.90
CA ASN A 41 -7.73 8.32 -1.17
C ASN A 41 -6.27 8.74 -1.34
N ILE A 42 -5.34 7.88 -0.94
CA ILE A 42 -3.93 8.25 -1.03
C ILE A 42 -3.37 7.92 -2.41
N THR A 43 -2.30 8.61 -2.75
CA THR A 43 -1.61 8.41 -4.02
C THR A 43 -0.25 7.77 -3.78
N ILE A 44 0.40 7.28 -4.82
CA ILE A 44 1.75 6.79 -4.68
C ILE A 44 2.69 7.97 -4.43
N ALA A 45 3.35 7.95 -3.28
CA ALA A 45 4.26 9.02 -2.89
C ALA A 45 5.56 8.91 -3.66
N HIS A 46 6.11 7.71 -3.66
CA HIS A 46 7.32 7.41 -4.42
C HIS A 46 7.53 5.91 -4.43
N MET A 47 8.30 5.45 -5.40
CA MET A 47 8.71 4.06 -5.43
C MET A 47 9.83 3.86 -4.43
N GLY A 48 9.80 2.75 -3.73
CA GLY A 48 10.73 2.53 -2.64
C GLY A 48 10.02 2.56 -1.30
N GLU A 49 10.66 2.01 -0.28
CA GLU A 49 10.05 1.90 1.04
C GLU A 49 10.04 3.25 1.76
N CYS A 50 9.04 3.47 2.59
CA CYS A 50 8.87 4.73 3.30
C CYS A 50 9.27 4.60 4.77
N ALA A 1 -13.63 -5.38 4.53
CA ALA A 1 -13.10 -4.45 5.54
C ALA A 1 -13.14 -3.03 5.02
N GLU A 2 -13.64 -2.11 5.83
CA GLU A 2 -13.62 -0.70 5.49
C GLU A 2 -12.64 0.04 6.38
N ASP A 3 -12.32 -0.55 7.53
CA ASP A 3 -11.31 0.01 8.40
C ASP A 3 -10.18 -0.98 8.62
N CYS A 4 -9.03 -0.64 8.09
CA CYS A 4 -7.82 -1.41 8.27
C CYS A 4 -6.61 -0.48 8.14
N VAL A 5 -5.72 -0.53 9.11
CA VAL A 5 -4.60 0.39 9.15
C VAL A 5 -3.28 -0.36 9.19
N GLY A 6 -2.39 -0.01 8.26
CA GLY A 6 -1.07 -0.58 8.24
C GLY A 6 -0.74 -1.08 6.86
N ARG A 7 -0.16 -2.27 6.79
CA ARG A 7 0.11 -2.87 5.51
C ARG A 7 -0.53 -4.24 5.44
N LYS A 8 -1.14 -4.53 4.32
CA LYS A 8 -1.69 -5.84 4.06
C LYS A 8 -0.70 -6.63 3.23
N ALA A 9 -0.29 -7.77 3.75
CA ALA A 9 0.84 -8.48 3.18
C ALA A 9 0.48 -9.21 1.91
N CYS A 10 1.21 -8.87 0.86
CA CYS A 10 1.13 -9.56 -0.43
C CYS A 10 2.56 -9.81 -0.90
N THR A 11 2.79 -10.91 -1.62
CA THR A 11 4.16 -11.29 -1.95
C THR A 11 4.23 -12.09 -3.25
N ARG A 12 3.51 -11.65 -4.27
CA ARG A 12 3.61 -12.26 -5.59
C ARG A 12 4.79 -11.67 -6.35
N GLU A 13 5.29 -10.56 -5.81
CA GLU A 13 6.42 -9.83 -6.36
C GLU A 13 6.83 -8.77 -5.33
N TRP A 14 8.09 -8.38 -5.31
CA TRP A 14 8.50 -7.34 -4.38
C TRP A 14 9.04 -6.13 -5.11
N TYR A 15 8.15 -5.19 -5.38
CA TYR A 15 8.54 -3.86 -5.77
C TYR A 15 7.89 -2.92 -4.79
N PRO A 16 8.64 -2.43 -3.82
CA PRO A 16 8.06 -1.68 -2.73
C PRO A 16 7.78 -0.23 -3.10
N VAL A 17 6.67 0.29 -2.58
CA VAL A 17 6.29 1.67 -2.83
C VAL A 17 5.81 2.32 -1.55
N CYS A 18 5.41 3.58 -1.64
CA CYS A 18 4.92 4.29 -0.49
C CYS A 18 3.58 4.95 -0.79
N GLY A 19 2.62 4.75 0.10
CA GLY A 19 1.34 5.39 -0.05
C GLY A 19 1.41 6.84 0.38
N SER A 20 0.56 7.68 -0.22
CA SER A 20 0.62 9.13 -0.05
C SER A 20 0.45 9.58 1.40
N ASP A 21 0.03 8.68 2.29
CA ASP A 21 -0.04 9.01 3.71
C ASP A 21 1.35 8.90 4.34
N GLY A 22 2.30 8.37 3.57
CA GLY A 22 3.62 8.11 4.08
C GLY A 22 3.74 6.69 4.57
N VAL A 23 2.97 5.80 3.97
CA VAL A 23 2.88 4.43 4.46
C VAL A 23 3.66 3.45 3.57
N THR A 24 4.31 2.48 4.20
CA THR A 24 5.16 1.53 3.51
C THR A 24 4.35 0.41 2.90
N TYR A 25 4.47 0.25 1.59
CA TYR A 25 3.80 -0.83 0.90
C TYR A 25 4.81 -1.77 0.26
N SER A 26 4.57 -3.07 0.46
CA SER A 26 5.50 -4.12 0.07
C SER A 26 5.62 -4.23 -1.46
N ASN A 27 4.57 -3.80 -2.16
CA ASN A 27 4.49 -3.99 -3.60
C ASN A 27 3.17 -3.39 -4.13
N PRO A 28 2.96 -3.40 -5.46
CA PRO A 28 1.70 -2.90 -6.06
C PRO A 28 0.44 -3.52 -5.45
N CYS A 29 0.41 -4.85 -5.33
CA CYS A 29 -0.78 -5.54 -4.82
C CYS A 29 -1.07 -5.12 -3.37
N ASN A 30 -0.02 -4.82 -2.62
CA ASN A 30 -0.15 -4.31 -1.27
C ASN A 30 -0.86 -2.95 -1.29
N PHE A 31 -0.42 -2.08 -2.19
CA PHE A 31 -1.02 -0.77 -2.34
C PHE A 31 -2.45 -0.88 -2.84
N SER A 32 -2.65 -1.68 -3.88
CA SER A 32 -3.96 -1.82 -4.50
C SER A 32 -5.00 -2.39 -3.54
N ALA A 33 -4.66 -3.48 -2.86
CA ALA A 33 -5.61 -4.13 -1.95
C ALA A 33 -5.89 -3.26 -0.75
N GLN A 34 -4.83 -2.68 -0.19
CA GLN A 34 -4.97 -1.86 0.99
C GLN A 34 -5.74 -0.59 0.67
N GLN A 35 -5.56 -0.08 -0.52
CA GLN A 35 -6.22 1.16 -0.92
C GLN A 35 -7.67 0.92 -1.28
N GLU A 36 -7.96 -0.21 -1.91
CA GLU A 36 -9.32 -0.51 -2.33
C GLU A 36 -10.20 -0.81 -1.12
N GLN A 37 -9.62 -1.36 -0.06
CA GLN A 37 -10.40 -1.71 1.11
C GLN A 37 -10.23 -0.71 2.26
N CYS A 38 -9.05 -0.17 2.42
CA CYS A 38 -8.73 0.61 3.61
C CYS A 38 -8.65 2.11 3.31
N ASP A 39 -7.65 2.53 2.55
CA ASP A 39 -7.44 3.96 2.31
C ASP A 39 -7.38 4.26 0.82
N PRO A 40 -8.55 4.47 0.19
CA PRO A 40 -8.65 4.71 -1.25
C PRO A 40 -8.16 6.11 -1.63
N ASN A 41 -7.98 6.97 -0.64
CA ASN A 41 -7.77 8.39 -0.88
C ASN A 41 -6.29 8.78 -0.85
N ILE A 42 -5.39 7.83 -1.00
CA ILE A 42 -3.98 8.18 -1.15
C ILE A 42 -3.46 7.78 -2.53
N THR A 43 -2.40 8.44 -2.96
CA THR A 43 -1.76 8.17 -4.23
C THR A 43 -0.42 7.49 -3.99
N ILE A 44 0.20 6.97 -5.02
CA ILE A 44 1.57 6.51 -4.91
C ILE A 44 2.46 7.72 -4.66
N ALA A 45 3.15 7.73 -3.53
CA ALA A 45 3.99 8.86 -3.17
C ALA A 45 5.34 8.76 -3.85
N HIS A 46 5.93 7.57 -3.76
CA HIS A 46 7.19 7.29 -4.43
C HIS A 46 7.45 5.79 -4.38
N MET A 47 8.29 5.31 -5.28
CA MET A 47 8.71 3.93 -5.23
C MET A 47 9.82 3.79 -4.22
N GLY A 48 9.97 2.61 -3.67
CA GLY A 48 10.86 2.42 -2.54
C GLY A 48 10.07 2.44 -1.25
N GLU A 49 10.35 1.52 -0.37
CA GLU A 49 9.57 1.38 0.86
C GLU A 49 9.81 2.56 1.79
N CYS A 50 8.75 3.00 2.44
CA CYS A 50 8.86 4.01 3.47
C CYS A 50 9.23 3.37 4.81
N ALA A 1 -12.44 -3.48 3.88
CA ALA A 1 -12.53 -3.68 5.34
C ALA A 1 -12.98 -2.41 6.05
N GLU A 2 -12.92 -1.28 5.33
CA GLU A 2 -13.29 0.04 5.86
C GLU A 2 -12.25 0.55 6.86
N ASP A 3 -11.92 -0.25 7.86
CA ASP A 3 -10.84 0.09 8.77
C ASP A 3 -9.72 -0.91 8.69
N CYS A 4 -8.62 -0.46 8.13
CA CYS A 4 -7.39 -1.21 8.11
C CYS A 4 -6.24 -0.22 7.92
N VAL A 5 -5.21 -0.30 8.74
CA VAL A 5 -4.16 0.69 8.68
C VAL A 5 -2.78 0.05 8.56
N GLY A 6 -2.02 0.53 7.60
CA GLY A 6 -0.65 0.13 7.46
C GLY A 6 -0.43 -0.69 6.21
N ARG A 7 -0.12 -1.96 6.41
CA ARG A 7 0.24 -2.83 5.32
C ARG A 7 -0.57 -4.11 5.39
N LYS A 8 -1.30 -4.40 4.33
CA LYS A 8 -2.06 -5.62 4.24
C LYS A 8 -1.23 -6.61 3.45
N ALA A 9 -0.96 -7.76 4.03
CA ALA A 9 0.13 -8.58 3.56
C ALA A 9 -0.19 -9.29 2.25
N CYS A 10 0.61 -8.93 1.25
CA CYS A 10 0.69 -9.65 0.00
C CYS A 10 2.17 -9.67 -0.38
N THR A 11 2.65 -10.74 -0.96
CA THR A 11 4.07 -10.88 -1.24
C THR A 11 4.32 -11.95 -2.29
N ARG A 12 3.97 -11.65 -3.52
CA ARG A 12 4.21 -12.56 -4.63
C ARG A 12 5.21 -11.92 -5.60
N GLU A 13 5.75 -10.79 -5.19
CA GLU A 13 6.62 -9.98 -6.02
C GLU A 13 7.02 -8.75 -5.22
N TRP A 14 8.21 -8.21 -5.44
CA TRP A 14 8.65 -7.07 -4.66
C TRP A 14 8.92 -5.86 -5.55
N TYR A 15 7.91 -5.00 -5.66
CA TYR A 15 8.09 -3.66 -6.18
C TYR A 15 7.67 -2.73 -5.10
N PRO A 16 8.61 -2.16 -4.36
CA PRO A 16 8.28 -1.41 -3.18
C PRO A 16 7.88 0.02 -3.50
N VAL A 17 6.84 0.49 -2.84
CA VAL A 17 6.38 1.86 -3.00
C VAL A 17 5.94 2.41 -1.65
N CYS A 18 5.58 3.67 -1.63
CA CYS A 18 5.10 4.30 -0.42
C CYS A 18 3.77 4.96 -0.67
N GLY A 19 2.77 4.59 0.10
CA GLY A 19 1.47 5.20 -0.02
C GLY A 19 1.44 6.56 0.65
N SER A 20 0.61 7.45 0.13
CA SER A 20 0.58 8.86 0.52
C SER A 20 0.33 9.07 2.01
N ASP A 21 -0.07 8.01 2.72
CA ASP A 21 -0.21 8.08 4.18
C ASP A 21 1.18 8.04 4.83
N GLY A 22 2.17 7.76 3.99
CA GLY A 22 3.53 7.61 4.47
C GLY A 22 3.85 6.17 4.81
N VAL A 23 3.07 5.25 4.26
CA VAL A 23 3.21 3.84 4.58
C VAL A 23 3.85 3.09 3.42
N THR A 24 4.75 2.16 3.72
CA THR A 24 5.44 1.44 2.66
C THR A 24 4.66 0.22 2.22
N TYR A 25 4.50 0.10 0.93
CA TYR A 25 3.84 -1.03 0.35
C TYR A 25 4.84 -1.98 -0.30
N SER A 26 4.68 -3.26 0.01
CA SER A 26 5.57 -4.30 -0.44
C SER A 26 5.56 -4.46 -1.95
N ASN A 27 4.45 -4.09 -2.58
CA ASN A 27 4.28 -4.27 -4.01
C ASN A 27 2.95 -3.66 -4.45
N PRO A 28 2.70 -3.57 -5.77
CA PRO A 28 1.43 -3.06 -6.30
C PRO A 28 0.22 -3.74 -5.66
N CYS A 29 0.30 -5.06 -5.53
CA CYS A 29 -0.76 -5.87 -4.91
C CYS A 29 -1.11 -5.35 -3.52
N ASN A 30 -0.08 -5.03 -2.74
CA ASN A 30 -0.25 -4.54 -1.39
C ASN A 30 -0.92 -3.16 -1.38
N PHE A 31 -0.47 -2.27 -2.25
CA PHE A 31 -1.05 -0.93 -2.36
C PHE A 31 -2.47 -0.98 -2.88
N SER A 32 -2.70 -1.74 -3.95
CA SER A 32 -4.01 -1.79 -4.60
C SER A 32 -5.07 -2.35 -3.66
N ALA A 33 -4.75 -3.49 -3.06
CA ALA A 33 -5.68 -4.15 -2.15
C ALA A 33 -5.91 -3.31 -0.91
N GLN A 34 -4.83 -2.78 -0.35
CA GLN A 34 -4.93 -2.01 0.87
C GLN A 34 -5.76 -0.75 0.66
N GLN A 35 -5.56 -0.09 -0.47
CA GLN A 35 -6.25 1.15 -0.73
C GLN A 35 -7.72 0.93 -1.03
N GLU A 36 -8.04 -0.15 -1.75
CA GLU A 36 -9.44 -0.43 -2.05
C GLU A 36 -10.18 -0.89 -0.80
N GLN A 37 -9.46 -1.47 0.14
CA GLN A 37 -10.07 -1.96 1.38
C GLN A 37 -10.14 -0.88 2.45
N CYS A 38 -9.16 0.02 2.44
CA CYS A 38 -8.99 0.95 3.55
C CYS A 38 -9.18 2.41 3.14
N ASP A 39 -8.18 2.98 2.46
CA ASP A 39 -8.20 4.41 2.14
C ASP A 39 -7.90 4.64 0.65
N PRO A 40 -8.94 4.61 -0.19
CA PRO A 40 -8.82 4.74 -1.65
C PRO A 40 -8.24 6.08 -2.09
N ASN A 41 -8.19 7.03 -1.18
CA ASN A 41 -7.91 8.41 -1.55
C ASN A 41 -6.40 8.69 -1.66
N ILE A 42 -5.58 7.87 -1.01
CA ILE A 42 -4.15 8.14 -1.05
C ILE A 42 -3.54 7.71 -2.38
N THR A 43 -2.48 8.39 -2.75
CA THR A 43 -1.76 8.11 -3.97
C THR A 43 -0.40 7.55 -3.63
N ILE A 44 0.31 7.01 -4.60
CA ILE A 44 1.67 6.58 -4.36
C ILE A 44 2.55 7.82 -4.18
N ALA A 45 3.15 7.93 -3.00
CA ALA A 45 3.95 9.08 -2.66
C ALA A 45 5.30 9.01 -3.35
N HIS A 46 5.90 7.84 -3.35
CA HIS A 46 7.16 7.62 -4.03
C HIS A 46 7.45 6.13 -4.11
N MET A 47 8.25 5.75 -5.08
CA MET A 47 8.70 4.37 -5.18
C MET A 47 9.78 4.15 -4.16
N GLY A 48 9.83 2.95 -3.59
CA GLY A 48 10.81 2.68 -2.56
C GLY A 48 10.16 2.45 -1.22
N GLU A 49 10.94 1.94 -0.28
CA GLU A 49 10.45 1.57 1.03
C GLU A 49 10.38 2.78 1.96
N CYS A 50 9.20 3.02 2.50
CA CYS A 50 8.98 4.04 3.51
C CYS A 50 9.22 3.47 4.89
N ALA A 1 -12.90 -4.77 4.16
CA ALA A 1 -12.02 -4.52 5.33
C ALA A 1 -12.38 -3.21 6.02
N GLU A 2 -12.43 -2.14 5.22
CA GLU A 2 -12.79 -0.80 5.69
C GLU A 2 -11.68 -0.19 6.54
N ASP A 3 -11.32 -0.88 7.63
CA ASP A 3 -10.24 -0.40 8.49
C ASP A 3 -9.06 -1.35 8.43
N CYS A 4 -7.97 -0.87 7.86
CA CYS A 4 -6.70 -1.56 7.92
C CYS A 4 -5.59 -0.55 7.79
N VAL A 5 -4.79 -0.42 8.83
CA VAL A 5 -3.79 0.63 8.86
C VAL A 5 -2.38 0.06 8.81
N GLY A 6 -1.61 0.54 7.86
CA GLY A 6 -0.25 0.10 7.73
C GLY A 6 -0.06 -0.76 6.51
N ARG A 7 0.02 -2.05 6.72
CA ARG A 7 0.29 -2.96 5.63
C ARG A 7 -0.62 -4.18 5.65
N LYS A 8 -1.24 -4.45 4.51
CA LYS A 8 -1.92 -5.71 4.29
C LYS A 8 -1.01 -6.61 3.45
N ALA A 9 -0.77 -7.82 3.94
CA ALA A 9 0.32 -8.63 3.41
C ALA A 9 -0.03 -9.26 2.08
N CYS A 10 0.77 -8.91 1.07
CA CYS A 10 0.71 -9.56 -0.23
C CYS A 10 2.14 -9.77 -0.72
N THR A 11 2.38 -10.85 -1.45
CA THR A 11 3.72 -11.16 -1.92
C THR A 11 3.69 -11.99 -3.20
N ARG A 12 3.14 -11.40 -4.24
CA ARG A 12 3.14 -12.00 -5.56
C ARG A 12 4.32 -11.46 -6.35
N GLU A 13 5.03 -10.53 -5.72
CA GLU A 13 5.95 -9.65 -6.41
C GLU A 13 6.56 -8.70 -5.40
N TRP A 14 7.73 -8.16 -5.67
CA TRP A 14 8.33 -7.18 -4.78
C TRP A 14 8.75 -5.92 -5.54
N TYR A 15 7.84 -4.96 -5.60
CA TYR A 15 8.16 -3.62 -6.01
C TYR A 15 7.74 -2.73 -4.87
N PRO A 16 8.66 -2.30 -4.04
CA PRO A 16 8.30 -1.57 -2.83
C PRO A 16 7.99 -0.11 -3.13
N VAL A 17 6.96 0.42 -2.48
CA VAL A 17 6.52 1.80 -2.71
C VAL A 17 6.05 2.43 -1.40
N CYS A 18 5.55 3.65 -1.51
CA CYS A 18 5.05 4.37 -0.37
C CYS A 18 3.64 4.89 -0.62
N GLY A 19 2.77 4.72 0.35
CA GLY A 19 1.42 5.26 0.26
C GLY A 19 1.41 6.72 0.67
N SER A 20 0.51 7.49 0.07
CA SER A 20 0.50 8.95 0.19
C SER A 20 0.35 9.44 1.63
N ASP A 21 -0.03 8.57 2.55
CA ASP A 21 -0.11 8.94 3.96
C ASP A 21 1.23 8.65 4.66
N GLY A 22 2.22 8.26 3.88
CA GLY A 22 3.54 8.02 4.41
C GLY A 22 3.74 6.59 4.86
N VAL A 23 3.02 5.66 4.23
CA VAL A 23 3.02 4.28 4.67
C VAL A 23 3.85 3.37 3.75
N THR A 24 4.52 2.38 4.34
CA THR A 24 5.41 1.49 3.60
C THR A 24 4.63 0.37 2.94
N TYR A 25 4.75 0.26 1.62
CA TYR A 25 4.12 -0.80 0.90
C TYR A 25 5.14 -1.74 0.27
N SER A 26 4.89 -3.03 0.47
CA SER A 26 5.78 -4.09 0.02
C SER A 26 5.77 -4.24 -1.50
N ASN A 27 4.65 -3.89 -2.12
CA ASN A 27 4.48 -4.06 -3.56
C ASN A 27 3.16 -3.41 -4.01
N PRO A 28 2.97 -3.24 -5.33
CA PRO A 28 1.73 -2.66 -5.87
C PRO A 28 0.48 -3.35 -5.32
N CYS A 29 0.51 -4.67 -5.27
CA CYS A 29 -0.61 -5.48 -4.77
C CYS A 29 -1.01 -5.05 -3.35
N ASN A 30 -0.01 -4.88 -2.50
CA ASN A 30 -0.19 -4.43 -1.13
C ASN A 30 -0.88 -3.06 -1.11
N PHE A 31 -0.41 -2.14 -1.96
CA PHE A 31 -0.99 -0.81 -2.05
C PHE A 31 -2.41 -0.89 -2.60
N SER A 32 -2.60 -1.61 -3.70
CA SER A 32 -3.88 -1.66 -4.38
C SER A 32 -4.96 -2.31 -3.51
N ALA A 33 -4.64 -3.47 -2.95
CA ALA A 33 -5.60 -4.22 -2.16
C ALA A 33 -5.94 -3.47 -0.88
N GLN A 34 -4.94 -2.93 -0.20
CA GLN A 34 -5.18 -2.22 1.03
C GLN A 34 -5.94 -0.93 0.77
N GLN A 35 -5.68 -0.32 -0.38
CA GLN A 35 -6.33 0.92 -0.75
C GLN A 35 -7.78 0.67 -1.14
N GLU A 36 -8.03 -0.39 -1.91
CA GLU A 36 -9.40 -0.69 -2.35
C GLU A 36 -10.25 -1.10 -1.14
N GLN A 37 -9.61 -1.70 -0.14
CA GLN A 37 -10.32 -2.13 1.05
C GLN A 37 -10.48 -1.00 2.05
N CYS A 38 -9.49 -0.12 2.13
CA CYS A 38 -9.40 0.79 3.26
C CYS A 38 -9.27 2.25 2.85
N ASP A 39 -8.16 2.63 2.21
CA ASP A 39 -7.97 4.03 1.85
C ASP A 39 -7.80 4.20 0.35
N PRO A 40 -8.91 4.42 -0.36
CA PRO A 40 -8.92 4.61 -1.81
C PRO A 40 -8.35 5.97 -2.22
N ASN A 41 -8.19 6.86 -1.24
CA ASN A 41 -7.92 8.26 -1.54
C ASN A 41 -6.44 8.60 -1.66
N ILE A 42 -5.56 7.78 -1.07
CA ILE A 42 -4.14 8.07 -1.19
C ILE A 42 -3.58 7.57 -2.52
N THR A 43 -2.42 8.09 -2.84
CA THR A 43 -1.74 7.76 -4.08
C THR A 43 -0.35 7.23 -3.77
N ILE A 44 0.32 6.65 -4.75
CA ILE A 44 1.70 6.25 -4.58
C ILE A 44 2.57 7.49 -4.45
N ALA A 45 3.23 7.63 -3.29
CA ALA A 45 4.04 8.79 -3.00
C ALA A 45 5.39 8.70 -3.69
N HIS A 46 6.05 7.57 -3.53
CA HIS A 46 7.34 7.34 -4.17
C HIS A 46 7.64 5.86 -4.22
N MET A 47 8.56 5.46 -5.08
CA MET A 47 9.00 4.09 -5.15
C MET A 47 10.07 3.86 -4.11
N GLY A 48 10.16 2.64 -3.62
CA GLY A 48 11.00 2.34 -2.49
C GLY A 48 10.20 2.36 -1.21
N GLU A 49 10.61 1.58 -0.23
CA GLU A 49 9.85 1.47 1.02
C GLU A 49 9.80 2.82 1.72
N CYS A 50 8.64 3.14 2.25
CA CYS A 50 8.43 4.41 2.93
C CYS A 50 8.92 4.33 4.37
N ALA A 1 -13.43 -5.62 3.91
CA ALA A 1 -12.78 -4.65 4.80
C ALA A 1 -13.27 -3.24 4.55
N GLU A 2 -13.38 -2.46 5.61
CA GLU A 2 -13.65 -1.05 5.52
C GLU A 2 -12.66 -0.32 6.42
N ASP A 3 -12.37 -0.93 7.56
CA ASP A 3 -11.33 -0.43 8.44
C ASP A 3 -10.16 -1.40 8.47
N CYS A 4 -9.04 -0.94 7.94
CA CYS A 4 -7.80 -1.68 7.99
C CYS A 4 -6.63 -0.70 7.91
N VAL A 5 -5.84 -0.66 8.96
CA VAL A 5 -4.75 0.30 9.01
C VAL A 5 -3.41 -0.41 9.08
N GLY A 6 -2.51 -0.04 8.19
CA GLY A 6 -1.18 -0.59 8.20
C GLY A 6 -0.84 -1.23 6.89
N ARG A 7 -0.76 -2.54 6.87
CA ARG A 7 -0.38 -3.25 5.68
C ARG A 7 -1.32 -4.41 5.38
N LYS A 8 -1.59 -4.58 4.09
CA LYS A 8 -2.27 -5.78 3.61
C LYS A 8 -1.19 -6.71 3.11
N ALA A 9 -1.12 -7.92 3.66
CA ALA A 9 -0.01 -8.79 3.32
C ALA A 9 -0.20 -9.42 1.95
N CYS A 10 0.72 -9.07 1.07
CA CYS A 10 0.83 -9.71 -0.22
C CYS A 10 2.31 -9.89 -0.51
N THR A 11 2.67 -10.95 -1.21
CA THR A 11 4.07 -11.22 -1.47
C THR A 11 4.22 -12.13 -2.68
N ARG A 12 3.81 -11.60 -3.83
CA ARG A 12 4.00 -12.30 -5.09
C ARG A 12 5.29 -11.83 -5.74
N GLU A 13 5.75 -10.65 -5.29
CA GLU A 13 6.94 -10.02 -5.81
C GLU A 13 7.26 -8.80 -4.94
N TRP A 14 8.51 -8.36 -4.92
CA TRP A 14 8.84 -7.18 -4.15
C TRP A 14 9.22 -6.01 -5.06
N TYR A 15 8.23 -5.20 -5.38
CA TYR A 15 8.46 -3.88 -5.93
C TYR A 15 7.82 -2.91 -4.98
N PRO A 16 8.58 -2.28 -4.12
CA PRO A 16 8.01 -1.51 -3.03
C PRO A 16 7.60 -0.12 -3.46
N VAL A 17 6.50 0.36 -2.91
CA VAL A 17 6.03 1.71 -3.16
C VAL A 17 5.65 2.37 -1.84
N CYS A 18 5.42 3.66 -1.87
CA CYS A 18 5.09 4.38 -0.66
C CYS A 18 3.74 5.05 -0.82
N GLY A 19 2.81 4.73 0.07
CA GLY A 19 1.52 5.39 0.06
C GLY A 19 1.61 6.76 0.66
N SER A 20 0.85 7.73 0.13
CA SER A 20 0.95 9.14 0.51
C SER A 20 0.74 9.38 2.00
N ASP A 21 0.25 8.39 2.72
CA ASP A 21 0.13 8.49 4.18
C ASP A 21 1.50 8.26 4.83
N GLY A 22 2.48 7.97 4.00
CA GLY A 22 3.81 7.63 4.49
C GLY A 22 3.86 6.19 4.92
N VAL A 23 3.03 5.37 4.30
CA VAL A 23 2.91 3.98 4.69
C VAL A 23 3.61 3.07 3.69
N THR A 24 4.46 2.19 4.20
CA THR A 24 5.38 1.41 3.39
C THR A 24 4.69 0.20 2.79
N TYR A 25 4.61 0.19 1.47
CA TYR A 25 3.95 -0.89 0.79
C TYR A 25 4.96 -1.83 0.14
N SER A 26 4.77 -3.12 0.39
CA SER A 26 5.70 -4.15 -0.02
C SER A 26 5.75 -4.32 -1.54
N ASN A 27 4.65 -3.98 -2.19
CA ASN A 27 4.50 -4.19 -3.62
C ASN A 27 3.19 -3.59 -4.12
N PRO A 28 2.94 -3.56 -5.45
CA PRO A 28 1.70 -3.05 -6.01
C PRO A 28 0.44 -3.67 -5.39
N CYS A 29 0.43 -5.00 -5.26
CA CYS A 29 -0.76 -5.68 -4.73
C CYS A 29 -1.05 -5.25 -3.29
N ASN A 30 0.00 -4.92 -2.55
CA ASN A 30 -0.13 -4.40 -1.20
C ASN A 30 -0.82 -3.04 -1.24
N PHE A 31 -0.35 -2.16 -2.13
CA PHE A 31 -0.89 -0.82 -2.26
C PHE A 31 -2.33 -0.86 -2.77
N SER A 32 -2.55 -1.64 -3.82
CA SER A 32 -3.86 -1.71 -4.46
C SER A 32 -4.93 -2.25 -3.52
N ALA A 33 -4.65 -3.38 -2.89
CA ALA A 33 -5.63 -4.03 -2.00
C ALA A 33 -5.86 -3.20 -0.75
N GLN A 34 -4.79 -2.69 -0.18
CA GLN A 34 -4.86 -1.90 1.04
C GLN A 34 -5.64 -0.62 0.78
N GLN A 35 -5.49 -0.06 -0.41
CA GLN A 35 -6.15 1.18 -0.74
C GLN A 35 -7.62 0.95 -1.08
N GLU A 36 -7.92 -0.08 -1.86
CA GLU A 36 -9.29 -0.33 -2.29
C GLU A 36 -10.18 -0.70 -1.10
N GLN A 37 -9.59 -1.34 -0.09
CA GLN A 37 -10.37 -1.77 1.07
C GLN A 37 -10.32 -0.73 2.19
N CYS A 38 -9.19 -0.07 2.35
CA CYS A 38 -8.98 0.77 3.52
C CYS A 38 -8.99 2.26 3.17
N ASP A 39 -7.90 2.74 2.55
CA ASP A 39 -7.78 4.17 2.26
C ASP A 39 -7.52 4.39 0.77
N PRO A 40 -8.59 4.56 -0.02
CA PRO A 40 -8.51 4.76 -1.46
C PRO A 40 -7.97 6.14 -1.84
N ASN A 41 -7.93 7.04 -0.86
CA ASN A 41 -7.72 8.44 -1.15
C ASN A 41 -6.26 8.79 -1.34
N ILE A 42 -5.34 7.99 -0.82
CA ILE A 42 -3.92 8.31 -0.94
C ILE A 42 -3.40 7.97 -2.32
N THR A 43 -2.25 8.53 -2.63
CA THR A 43 -1.60 8.33 -3.92
C THR A 43 -0.30 7.57 -3.70
N ILE A 44 0.32 7.11 -4.77
CA ILE A 44 1.68 6.65 -4.66
C ILE A 44 2.59 7.85 -4.47
N ALA A 45 3.26 7.91 -3.32
CA ALA A 45 4.08 9.06 -2.97
C ALA A 45 5.40 9.03 -3.73
N HIS A 46 5.98 7.85 -3.82
CA HIS A 46 7.21 7.66 -4.56
C HIS A 46 7.49 6.18 -4.72
N MET A 47 8.29 5.82 -5.71
CA MET A 47 8.72 4.45 -5.90
C MET A 47 9.72 4.08 -4.81
N GLY A 48 9.61 2.88 -4.30
CA GLY A 48 10.46 2.48 -3.20
C GLY A 48 9.73 2.55 -1.87
N GLU A 49 10.16 1.74 -0.92
CA GLU A 49 9.51 1.67 0.38
C GLU A 49 9.69 2.97 1.16
N CYS A 50 8.71 3.29 1.99
CA CYS A 50 8.71 4.52 2.78
C CYS A 50 9.89 4.56 3.74
N ALA A 1 -11.54 -8.02 3.31
CA ALA A 1 -11.27 -7.01 4.36
C ALA A 1 -11.87 -5.67 3.97
N GLU A 2 -12.23 -4.88 4.97
CA GLU A 2 -12.69 -3.52 4.73
C GLU A 2 -11.83 -2.54 5.51
N ASP A 3 -11.41 -2.94 6.71
CA ASP A 3 -10.49 -2.15 7.50
C ASP A 3 -9.17 -2.89 7.64
N CYS A 4 -8.09 -2.20 7.34
CA CYS A 4 -6.77 -2.76 7.44
C CYS A 4 -5.78 -1.64 7.74
N VAL A 5 -5.16 -1.70 8.89
CA VAL A 5 -4.33 -0.61 9.34
C VAL A 5 -2.86 -0.93 9.17
N GLY A 6 -2.16 0.00 8.56
CA GLY A 6 -0.74 -0.10 8.44
C GLY A 6 -0.36 -0.68 7.11
N ARG A 7 -0.13 -1.98 7.09
CA ARG A 7 0.11 -2.67 5.86
C ARG A 7 -0.74 -3.93 5.77
N LYS A 8 -1.34 -4.16 4.62
CA LYS A 8 -2.02 -5.41 4.37
C LYS A 8 -1.11 -6.32 3.57
N ALA A 9 -0.79 -7.47 4.12
CA ALA A 9 0.27 -8.28 3.58
C ALA A 9 -0.15 -9.03 2.33
N CYS A 10 0.56 -8.75 1.24
CA CYS A 10 0.49 -9.57 0.04
C CYS A 10 1.92 -9.76 -0.45
N THR A 11 2.20 -10.89 -1.08
CA THR A 11 3.57 -11.22 -1.42
C THR A 11 3.64 -12.05 -2.70
N ARG A 12 3.63 -11.36 -3.82
CA ARG A 12 3.77 -12.01 -5.11
C ARG A 12 5.06 -11.55 -5.79
N GLU A 13 5.66 -10.53 -5.21
CA GLU A 13 6.83 -9.87 -5.77
C GLU A 13 7.20 -8.72 -4.87
N TRP A 14 8.44 -8.24 -4.93
CA TRP A 14 8.82 -7.09 -4.15
C TRP A 14 9.16 -5.91 -5.05
N TYR A 15 8.16 -5.08 -5.29
CA TYR A 15 8.37 -3.77 -5.87
C TYR A 15 7.85 -2.80 -4.84
N PRO A 16 8.73 -2.19 -4.07
CA PRO A 16 8.30 -1.40 -2.95
C PRO A 16 7.89 0.00 -3.38
N VAL A 17 6.82 0.50 -2.80
CA VAL A 17 6.35 1.85 -3.08
C VAL A 17 5.83 2.46 -1.79
N CYS A 18 5.59 3.75 -1.80
CA CYS A 18 5.13 4.43 -0.63
C CYS A 18 3.77 5.07 -0.88
N GLY A 19 2.81 4.76 -0.01
CA GLY A 19 1.52 5.38 -0.08
C GLY A 19 1.57 6.79 0.47
N SER A 20 0.77 7.68 -0.12
CA SER A 20 0.82 9.11 0.18
C SER A 20 0.59 9.44 1.65
N ASP A 21 0.15 8.45 2.42
CA ASP A 21 0.01 8.63 3.87
C ASP A 21 1.38 8.51 4.55
N GLY A 22 2.37 8.08 3.78
CA GLY A 22 3.70 7.86 4.30
C GLY A 22 3.91 6.42 4.71
N VAL A 23 3.18 5.52 4.05
CA VAL A 23 3.18 4.11 4.42
C VAL A 23 3.98 3.26 3.42
N THR A 24 4.69 2.27 3.94
CA THR A 24 5.53 1.39 3.14
C THR A 24 4.72 0.25 2.53
N TYR A 25 4.76 0.15 1.21
CA TYR A 25 4.07 -0.91 0.52
C TYR A 25 5.03 -1.90 -0.12
N SER A 26 4.70 -3.18 0.03
CA SER A 26 5.53 -4.29 -0.41
C SER A 26 5.59 -4.42 -1.93
N ASN A 27 4.45 -4.19 -2.58
CA ASN A 27 4.36 -4.28 -4.03
C ASN A 27 2.97 -3.79 -4.45
N PRO A 28 2.69 -3.70 -5.77
CA PRO A 28 1.41 -3.19 -6.29
C PRO A 28 0.16 -3.75 -5.58
N CYS A 29 0.12 -5.06 -5.30
CA CYS A 29 -1.08 -5.64 -4.69
C CYS A 29 -1.33 -5.06 -3.31
N ASN A 30 -0.25 -4.75 -2.62
CA ASN A 30 -0.33 -4.24 -1.27
C ASN A 30 -0.97 -2.86 -1.26
N PHE A 31 -0.50 -1.99 -2.15
CA PHE A 31 -1.08 -0.67 -2.30
C PHE A 31 -2.50 -0.80 -2.83
N SER A 32 -2.67 -1.62 -3.87
CA SER A 32 -3.95 -1.76 -4.54
C SER A 32 -5.03 -2.27 -3.59
N ALA A 33 -4.73 -3.37 -2.87
CA ALA A 33 -5.72 -3.98 -2.01
C ALA A 33 -6.03 -3.10 -0.81
N GLN A 34 -4.99 -2.59 -0.15
CA GLN A 34 -5.19 -1.81 1.05
C GLN A 34 -5.92 -0.51 0.71
N GLN A 35 -5.69 -0.02 -0.48
CA GLN A 35 -6.30 1.24 -0.92
C GLN A 35 -7.74 1.02 -1.35
N GLU A 36 -8.01 -0.03 -2.12
CA GLU A 36 -9.35 -0.26 -2.63
C GLU A 36 -10.34 -0.54 -1.51
N GLN A 37 -9.90 -1.26 -0.48
CA GLN A 37 -10.81 -1.64 0.60
C GLN A 37 -10.70 -0.70 1.80
N CYS A 38 -9.51 -0.18 2.08
CA CYS A 38 -9.28 0.55 3.31
C CYS A 38 -9.10 2.06 3.08
N ASP A 39 -8.02 2.47 2.43
CA ASP A 39 -7.76 3.91 2.25
C ASP A 39 -7.60 4.24 0.77
N PRO A 40 -8.72 4.50 0.09
CA PRO A 40 -8.73 4.81 -1.35
C PRO A 40 -8.20 6.21 -1.67
N ASN A 41 -8.04 7.03 -0.64
CA ASN A 41 -7.81 8.45 -0.83
C ASN A 41 -6.33 8.80 -1.02
N ILE A 42 -5.43 7.85 -0.76
CA ILE A 42 -4.02 8.14 -0.93
C ILE A 42 -3.55 7.69 -2.32
N THR A 43 -2.44 8.26 -2.75
CA THR A 43 -1.85 7.95 -4.03
C THR A 43 -0.43 7.44 -3.81
N ILE A 44 0.18 6.88 -4.85
CA ILE A 44 1.58 6.48 -4.75
C ILE A 44 2.45 7.72 -4.67
N ALA A 45 3.19 7.85 -3.58
CA ALA A 45 4.03 9.00 -3.34
C ALA A 45 5.37 8.87 -4.06
N HIS A 46 6.03 7.74 -3.86
CA HIS A 46 7.28 7.46 -4.53
C HIS A 46 7.59 5.98 -4.48
N MET A 47 8.45 5.52 -5.38
CA MET A 47 8.90 4.14 -5.36
C MET A 47 9.93 3.95 -4.26
N GLY A 48 9.98 2.78 -3.70
CA GLY A 48 10.85 2.52 -2.58
C GLY A 48 10.09 2.51 -1.28
N GLU A 49 10.57 1.75 -0.31
CA GLU A 49 9.89 1.63 0.97
C GLU A 49 10.02 2.93 1.78
N CYS A 50 9.01 3.19 2.59
CA CYS A 50 8.95 4.41 3.39
C CYS A 50 9.30 4.11 4.85
N ALA A 1 -11.96 -6.20 3.10
CA ALA A 1 -11.17 -5.97 4.33
C ALA A 1 -11.86 -4.97 5.25
N GLU A 2 -12.52 -3.98 4.65
CA GLU A 2 -13.29 -2.98 5.38
C GLU A 2 -12.38 -2.04 6.17
N ASP A 3 -11.89 -2.52 7.31
CA ASP A 3 -11.00 -1.71 8.14
C ASP A 3 -9.67 -2.41 8.32
N CYS A 4 -8.64 -1.80 7.77
CA CYS A 4 -7.28 -2.22 7.98
C CYS A 4 -6.39 -1.00 7.78
N VAL A 5 -5.37 -0.83 8.62
CA VAL A 5 -4.59 0.39 8.56
C VAL A 5 -3.15 0.13 8.10
N GLY A 6 -2.78 0.83 7.04
CA GLY A 6 -1.40 0.86 6.63
C GLY A 6 -1.14 -0.02 5.44
N ARG A 7 -0.80 -1.26 5.71
CA ARG A 7 -0.52 -2.20 4.64
C ARG A 7 -1.24 -3.53 4.90
N LYS A 8 -1.76 -4.11 3.83
CA LYS A 8 -2.25 -5.47 3.88
C LYS A 8 -1.17 -6.38 3.30
N ALA A 9 -0.84 -7.45 3.99
CA ALA A 9 0.31 -8.25 3.63
C ALA A 9 0.07 -9.07 2.36
N CYS A 10 0.89 -8.80 1.37
CA CYS A 10 0.90 -9.53 0.11
C CYS A 10 2.36 -9.78 -0.27
N THR A 11 2.67 -10.91 -0.90
CA THR A 11 4.05 -11.24 -1.19
C THR A 11 4.15 -12.22 -2.36
N ARG A 12 3.54 -11.85 -3.48
CA ARG A 12 3.69 -12.61 -4.72
C ARG A 12 4.69 -11.93 -5.64
N GLU A 13 5.22 -10.81 -5.16
CA GLU A 13 6.14 -9.97 -5.92
C GLU A 13 6.67 -8.91 -4.97
N TRP A 14 7.84 -8.35 -5.25
CA TRP A 14 8.36 -7.29 -4.42
C TRP A 14 8.79 -6.07 -5.25
N TYR A 15 7.88 -5.13 -5.40
CA TYR A 15 8.20 -3.81 -5.88
C TYR A 15 7.73 -2.85 -4.83
N PRO A 16 8.64 -2.33 -4.03
CA PRO A 16 8.24 -1.54 -2.90
C PRO A 16 7.91 -0.10 -3.28
N VAL A 17 6.84 0.42 -2.72
CA VAL A 17 6.41 1.79 -2.97
C VAL A 17 5.92 2.42 -1.67
N CYS A 18 5.64 3.69 -1.70
CA CYS A 18 5.12 4.36 -0.52
C CYS A 18 3.78 5.00 -0.81
N GLY A 19 2.83 4.77 0.07
CA GLY A 19 1.54 5.41 -0.04
C GLY A 19 1.57 6.78 0.58
N SER A 20 0.75 7.69 0.05
CA SER A 20 0.79 9.11 0.40
C SER A 20 0.54 9.35 1.89
N ASP A 21 0.08 8.34 2.62
CA ASP A 21 -0.08 8.44 4.06
C ASP A 21 1.29 8.31 4.74
N GLY A 22 2.29 7.99 3.94
CA GLY A 22 3.63 7.78 4.43
C GLY A 22 3.86 6.33 4.78
N VAL A 23 3.11 5.45 4.13
CA VAL A 23 3.15 4.05 4.51
C VAL A 23 3.93 3.21 3.48
N THR A 24 4.70 2.25 3.97
CA THR A 24 5.49 1.38 3.13
C THR A 24 4.67 0.24 2.58
N TYR A 25 4.62 0.15 1.26
CA TYR A 25 3.92 -0.92 0.60
C TYR A 25 4.89 -1.92 0.02
N SER A 26 4.60 -3.19 0.27
CA SER A 26 5.47 -4.29 -0.11
C SER A 26 5.49 -4.52 -1.62
N ASN A 27 4.41 -4.12 -2.30
CA ASN A 27 4.30 -4.29 -3.75
C ASN A 27 3.02 -3.62 -4.25
N PRO A 28 2.83 -3.49 -5.57
CA PRO A 28 1.60 -2.94 -6.15
C PRO A 28 0.35 -3.64 -5.62
N CYS A 29 0.47 -4.95 -5.42
CA CYS A 29 -0.60 -5.77 -4.84
C CYS A 29 -1.03 -5.19 -3.49
N ASN A 30 -0.04 -4.96 -2.63
CA ASN A 30 -0.27 -4.41 -1.30
C ASN A 30 -0.85 -3.00 -1.39
N PHE A 31 -0.29 -2.16 -2.24
CA PHE A 31 -0.74 -0.77 -2.37
C PHE A 31 -2.20 -0.73 -2.85
N SER A 32 -2.48 -1.46 -3.92
CA SER A 32 -3.80 -1.45 -4.52
C SER A 32 -4.84 -2.03 -3.57
N ALA A 33 -4.57 -3.23 -3.06
CA ALA A 33 -5.54 -3.95 -2.25
C ALA A 33 -5.81 -3.24 -0.94
N GLN A 34 -4.76 -2.72 -0.32
CA GLN A 34 -4.88 -2.04 0.95
C GLN A 34 -5.75 -0.81 0.82
N GLN A 35 -5.55 -0.08 -0.26
CA GLN A 35 -6.28 1.14 -0.47
C GLN A 35 -7.70 0.92 -0.97
N GLU A 36 -7.89 -0.01 -1.88
CA GLU A 36 -9.23 -0.27 -2.41
C GLU A 36 -10.12 -0.92 -1.34
N GLN A 37 -9.48 -1.59 -0.39
CA GLN A 37 -10.23 -2.24 0.68
C GLN A 37 -10.33 -1.38 1.94
N CYS A 38 -9.35 -0.49 2.17
CA CYS A 38 -9.29 0.23 3.44
C CYS A 38 -8.95 1.72 3.31
N ASP A 39 -7.87 2.05 2.58
CA ASP A 39 -7.37 3.43 2.57
C ASP A 39 -7.38 4.02 1.16
N PRO A 40 -8.56 4.27 0.60
CA PRO A 40 -8.70 4.65 -0.83
C PRO A 40 -8.16 6.04 -1.14
N ASN A 41 -7.91 6.83 -0.12
CA ASN A 41 -7.66 8.25 -0.30
C ASN A 41 -6.19 8.61 -0.42
N ILE A 42 -5.30 7.63 -0.55
CA ILE A 42 -3.90 7.97 -0.74
C ILE A 42 -3.44 7.63 -2.16
N THR A 43 -2.39 8.30 -2.58
CA THR A 43 -1.80 8.10 -3.89
C THR A 43 -0.35 7.63 -3.73
N ILE A 44 0.27 7.17 -4.80
CA ILE A 44 1.68 6.76 -4.72
C ILE A 44 2.54 7.97 -4.41
N ALA A 45 3.25 7.91 -3.30
CA ALA A 45 4.09 9.01 -2.85
C ALA A 45 5.45 8.96 -3.51
N HIS A 46 6.04 7.76 -3.54
CA HIS A 46 7.30 7.55 -4.23
C HIS A 46 7.60 6.07 -4.37
N MET A 47 8.44 5.74 -5.34
CA MET A 47 8.91 4.38 -5.52
C MET A 47 9.95 4.08 -4.45
N GLY A 48 9.98 2.85 -3.97
CA GLY A 48 10.84 2.50 -2.87
C GLY A 48 10.08 2.54 -1.55
N GLU A 49 10.46 1.69 -0.62
CA GLU A 49 9.75 1.59 0.65
C GLU A 49 10.00 2.82 1.52
N CYS A 50 9.02 3.18 2.33
CA CYS A 50 9.04 4.42 3.08
C CYS A 50 9.79 4.27 4.40
#